data_6S02
#
_entry.id   6S02
#
_cell.length_a   80.115
_cell.length_b   101.796
_cell.length_c   103.310
_cell.angle_alpha   90.00
_cell.angle_beta   90.00
_cell.angle_gamma   90.00
#
_symmetry.space_group_name_H-M   'P 21 21 21'
#
loop_
_entity.id
_entity.type
_entity.pdbx_description
1 polymer 'Heat shock protein 70'
2 non-polymer "ADENOSINE-5'-DIPHOSPHATE"
3 non-polymer 'MAGNESIUM ION'
4 water water
#
_entity_poly.entity_id   1
_entity_poly.type   'polypeptide(L)'
_entity_poly.pdbx_seq_one_letter_code
;GPAEESEVAIGIDLGTTYSCVGICRNGVVDIIANDQGNRTTPSYVAFTDTERLIGDAAKNQASRNPENTVFDAKRLIGRK
FSETTVQSDMKHWPFTVKGGSDGKPMIEVSYQGEKKTFHPEEISSMVLKKMKEVAETYLGKPVKNAVITVPAYFNDSQRQ
ATKDAGAIAGLNVLRIINEPTAAAIAYGLDKKGKGEQNILIFDLGGGTFDVSLLTLEDGIFEVKATSGDTHLGGEDFDNK
LVNFCVQDFKKKNGGKDVSKNSKSLRRLRTQCEKAKRVLSSSAQATIEVDSLFDGIDYNVNITRAKFEELCMDQFRNTLI
PVEKVLKDAKMDKSQVHEIVLVGGSTRIPKIQQLIKDFFNGKEPCKAINPDEAVAYGAAVQAAILSGDQSSAV
;
_entity_poly.pdbx_strand_id   A,B
#
loop_
_chem_comp.id
_chem_comp.type
_chem_comp.name
_chem_comp.formula
ADP non-polymer ADENOSINE-5'-DIPHOSPHATE 'C10 H15 N5 O10 P2'
MG non-polymer 'MAGNESIUM ION' 'Mg 2'
#
# COMPACT_ATOMS: atom_id res chain seq x y z
N VAL A 8 -23.31 -19.32 13.18
CA VAL A 8 -23.23 -18.07 13.96
C VAL A 8 -21.92 -17.35 13.68
N ALA A 9 -22.01 -16.13 13.17
CA ALA A 9 -20.84 -15.33 12.83
C ALA A 9 -21.00 -13.91 13.35
N ILE A 10 -19.96 -13.38 13.95
CA ILE A 10 -19.98 -12.05 14.54
C ILE A 10 -19.08 -11.13 13.72
N GLY A 11 -19.27 -9.84 13.94
CA GLY A 11 -18.42 -8.80 13.39
C GLY A 11 -17.63 -8.16 14.51
N ILE A 12 -16.31 -8.08 14.33
CA ILE A 12 -15.44 -7.52 15.37
C ILE A 12 -14.67 -6.34 14.80
N ASP A 13 -14.87 -5.18 15.40
CA ASP A 13 -14.03 -4.01 15.18
C ASP A 13 -12.86 -4.12 16.18
N LEU A 14 -11.68 -4.43 15.67
CA LEU A 14 -10.47 -4.49 16.50
C LEU A 14 -9.82 -3.10 16.44
N GLY A 15 -10.24 -2.25 17.32
CA GLY A 15 -9.88 -0.85 17.28
C GLY A 15 -8.58 -0.52 17.96
N THR A 16 -8.03 0.63 17.59
CA THR A 16 -6.75 1.06 18.14
C THR A 16 -6.83 1.21 19.65
N THR A 17 -7.90 1.84 20.14
CA THR A 17 -8.08 2.04 21.58
C THR A 17 -9.30 1.33 22.15
N TYR A 18 -10.37 1.16 21.36
CA TYR A 18 -11.56 0.44 21.81
C TYR A 18 -12.00 -0.52 20.72
N SER A 19 -12.35 -1.74 21.11
CA SER A 19 -12.95 -2.73 20.21
C SER A 19 -14.46 -2.85 20.45
N CYS A 20 -15.14 -3.48 19.50
CA CYS A 20 -16.59 -3.52 19.47
C CYS A 20 -17.02 -4.77 18.71
N VAL A 21 -18.09 -5.41 19.20
CA VAL A 21 -18.57 -6.64 18.61
C VAL A 21 -20.09 -6.54 18.41
N GLY A 22 -20.55 -6.98 17.24
CA GLY A 22 -21.97 -7.02 16.97
C GLY A 22 -22.35 -8.27 16.22
N ILE A 23 -23.66 -8.51 16.16
CA ILE A 23 -24.19 -9.69 15.50
C ILE A 23 -25.44 -9.29 14.73
N CYS A 24 -25.50 -9.69 13.46
CA CYS A 24 -26.61 -9.39 12.57
C CYS A 24 -27.46 -10.65 12.48
N ARG A 25 -28.63 -10.63 13.14
CA ARG A 25 -29.60 -11.72 13.11
C ARG A 25 -30.90 -11.20 12.53
N ASN A 26 -31.50 -11.99 11.64
CA ASN A 26 -32.79 -11.65 11.04
C ASN A 26 -32.75 -10.25 10.44
N GLY A 27 -31.58 -9.84 9.93
CA GLY A 27 -31.46 -8.61 9.18
C GLY A 27 -31.21 -7.36 9.99
N VAL A 28 -31.17 -7.45 11.32
CA VAL A 28 -30.87 -6.28 12.15
C VAL A 28 -29.64 -6.59 13.00
N VAL A 29 -28.92 -5.52 13.36
CA VAL A 29 -27.63 -5.65 14.02
C VAL A 29 -27.77 -5.24 15.48
N ASP A 30 -27.41 -6.15 16.37
CA ASP A 30 -27.29 -5.85 17.79
C ASP A 30 -25.80 -5.73 18.16
N ILE A 31 -25.41 -4.57 18.65
CA ILE A 31 -24.10 -4.39 19.25
C ILE A 31 -24.14 -4.92 20.68
N ILE A 32 -23.13 -5.68 21.07
CA ILE A 32 -23.16 -6.44 22.31
C ILE A 32 -22.35 -5.75 23.41
N ALA A 33 -23.01 -5.39 24.51
CA ALA A 33 -22.32 -4.80 25.64
C ALA A 33 -21.57 -5.86 26.42
N ASN A 34 -20.46 -5.44 27.04
CA ASN A 34 -19.57 -6.36 27.75
C ASN A 34 -20.00 -6.51 29.21
N ASP A 35 -19.14 -7.14 30.01
CA ASP A 35 -19.42 -7.37 31.43
C ASP A 35 -19.96 -6.11 32.11
N GLN A 36 -19.23 -5.01 32.01
CA GLN A 36 -19.58 -3.79 32.73
C GLN A 36 -20.66 -2.97 32.03
N GLY A 37 -21.33 -3.54 31.03
CA GLY A 37 -22.38 -2.83 30.34
C GLY A 37 -21.91 -1.84 29.30
N ASN A 38 -20.65 -1.88 28.90
CA ASN A 38 -20.10 -0.94 27.94
C ASN A 38 -20.17 -1.55 26.55
N ARG A 39 -20.68 -0.78 25.59
CA ARG A 39 -20.85 -1.27 24.23
C ARG A 39 -19.58 -1.28 23.42
N THR A 40 -18.49 -0.71 23.96
CA THR A 40 -17.16 -0.92 23.41
C THR A 40 -16.23 -1.30 24.56
N THR A 41 -15.11 -1.95 24.21
CA THR A 41 -14.16 -2.48 25.20
C THR A 41 -12.74 -1.99 24.93
N PRO A 42 -12.04 -1.46 25.92
CA PRO A 42 -10.68 -0.97 25.67
C PRO A 42 -9.79 -2.08 25.13
N SER A 43 -8.97 -1.74 24.12
CA SER A 43 -8.01 -2.68 23.55
C SER A 43 -6.77 -2.74 24.43
N TYR A 44 -7.00 -3.12 25.69
CA TYR A 44 -5.98 -3.15 26.72
C TYR A 44 -5.84 -4.55 27.30
N VAL A 45 -4.62 -4.90 27.67
CA VAL A 45 -4.31 -6.16 28.31
C VAL A 45 -3.30 -5.87 29.41
N ALA A 46 -3.58 -6.34 30.62
CA ALA A 46 -2.75 -6.07 31.78
C ALA A 46 -2.34 -7.38 32.44
N PHE A 47 -1.12 -7.41 32.97
CA PHE A 47 -0.57 -8.59 33.63
C PHE A 47 -0.23 -8.23 35.06
N THR A 48 -0.72 -9.05 35.99
CA THR A 48 -0.58 -8.81 37.42
C THR A 48 0.10 -10.01 38.06
N ASP A 49 0.51 -9.84 39.33
CA ASP A 49 1.09 -10.94 40.06
C ASP A 49 0.20 -12.18 40.08
N THR A 50 -1.09 -12.03 39.78
CA THR A 50 -2.01 -13.15 39.93
C THR A 50 -2.83 -13.45 38.70
N GLU A 51 -3.16 -12.44 37.89
CA GLU A 51 -4.14 -12.62 36.83
C GLU A 51 -3.78 -11.81 35.60
N ARG A 52 -4.39 -12.22 34.47
CA ARG A 52 -4.27 -11.52 33.19
C ARG A 52 -5.61 -10.83 32.93
N LEU A 53 -5.57 -9.51 32.78
CA LEU A 53 -6.76 -8.70 32.63
C LEU A 53 -6.90 -8.20 31.21
N ILE A 54 -8.14 -8.09 30.74
CA ILE A 54 -8.42 -7.64 29.38
C ILE A 54 -9.60 -6.69 29.43
N GLY A 55 -9.50 -5.58 28.70
CA GLY A 55 -10.58 -4.64 28.56
C GLY A 55 -10.69 -3.62 29.67
N ASP A 56 -11.91 -3.35 30.13
CA ASP A 56 -12.13 -2.34 31.16
C ASP A 56 -11.27 -2.59 32.38
N ALA A 57 -11.18 -3.84 32.83
CA ALA A 57 -10.37 -4.13 34.01
C ALA A 57 -8.91 -3.76 33.78
N ALA A 58 -8.38 -4.05 32.59
CA ALA A 58 -7.01 -3.70 32.28
C ALA A 58 -6.82 -2.20 32.28
N LYS A 59 -7.64 -1.47 31.52
CA LYS A 59 -7.46 -0.03 31.46
C LYS A 59 -7.64 0.64 32.82
N ASN A 60 -8.66 0.24 33.59
CA ASN A 60 -8.91 0.88 34.87
C ASN A 60 -7.75 0.75 35.85
N GLN A 61 -6.91 -0.26 35.66
CA GLN A 61 -5.75 -0.52 36.53
C GLN A 61 -4.46 0.04 35.93
N ALA A 62 -4.52 0.66 34.75
CA ALA A 62 -3.30 1.08 34.06
C ALA A 62 -2.45 2.01 34.93
N SER A 63 -3.08 2.99 35.57
CA SER A 63 -2.30 3.97 36.33
C SER A 63 -1.54 3.31 37.48
N ARG A 64 -2.08 2.22 38.04
CA ARG A 64 -1.40 1.54 39.13
C ARG A 64 -0.29 0.62 38.65
N ASN A 65 -0.32 0.20 37.39
CA ASN A 65 0.66 -0.75 36.88
C ASN A 65 0.96 -0.45 35.42
N PRO A 66 1.55 0.73 35.14
CA PRO A 66 1.75 1.11 33.73
C PRO A 66 2.72 0.22 32.99
N GLU A 67 3.73 -0.33 33.66
CA GLU A 67 4.74 -1.09 32.92
C GLU A 67 4.18 -2.39 32.36
N ASN A 68 3.15 -2.97 32.99
CA ASN A 68 2.62 -4.26 32.58
C ASN A 68 1.23 -4.16 31.96
N THR A 69 0.77 -2.96 31.63
CA THR A 69 -0.52 -2.76 30.98
C THR A 69 -0.26 -2.39 29.52
N VAL A 70 -0.70 -3.24 28.60
CA VAL A 70 -0.33 -3.10 27.20
C VAL A 70 -1.53 -2.55 26.43
N PHE A 71 -1.23 -1.66 25.48
CA PHE A 71 -2.20 -1.09 24.57
C PHE A 71 -1.45 -0.77 23.28
N ASP A 72 -2.18 -0.21 22.31
CA ASP A 72 -1.61 0.20 21.03
C ASP A 72 -0.99 -0.95 20.24
N ALA A 73 -1.37 -2.21 20.53
CA ALA A 73 -0.80 -3.32 19.76
C ALA A 73 -1.07 -3.15 18.27
N LYS A 74 -2.16 -2.45 17.92
CA LYS A 74 -2.48 -2.23 16.52
C LYS A 74 -1.39 -1.43 15.84
N ARG A 75 -0.67 -0.59 16.60
CA ARG A 75 0.41 0.19 16.02
C ARG A 75 1.64 -0.66 15.71
N LEU A 76 1.70 -1.90 16.21
CA LEU A 76 2.83 -2.76 16.03
C LEU A 76 2.53 -4.00 15.18
N ILE A 77 1.26 -4.42 15.10
CA ILE A 77 0.94 -5.68 14.45
C ILE A 77 1.39 -5.65 12.99
N GLY A 78 2.06 -6.70 12.57
CA GLY A 78 2.53 -6.82 11.20
C GLY A 78 3.69 -5.92 10.82
N ARG A 79 4.26 -5.20 11.78
CA ARG A 79 5.38 -4.33 11.49
C ARG A 79 6.69 -4.95 11.98
N LYS A 80 7.79 -4.50 11.39
CA LYS A 80 9.12 -4.82 11.88
C LYS A 80 9.53 -3.80 12.92
N PHE A 81 10.35 -4.24 13.89
CA PHE A 81 10.71 -3.39 15.01
C PHE A 81 11.49 -2.16 14.57
N SER A 82 12.20 -2.26 13.46
CA SER A 82 13.07 -1.17 13.04
C SER A 82 12.33 -0.06 12.30
N GLU A 83 11.11 -0.30 11.86
CA GLU A 83 10.37 0.72 11.13
C GLU A 83 10.35 2.03 11.91
N THR A 84 10.42 3.15 11.16
CA THR A 84 10.53 4.44 11.83
C THR A 84 9.29 4.77 12.68
N THR A 85 8.12 4.23 12.31
CA THR A 85 6.92 4.48 13.10
C THR A 85 7.05 3.90 14.50
N VAL A 86 7.71 2.74 14.63
CA VAL A 86 7.87 2.15 15.94
C VAL A 86 8.77 3.03 16.83
N GLN A 87 9.88 3.52 16.25
CA GLN A 87 10.78 4.41 16.98
C GLN A 87 10.07 5.64 17.48
N SER A 88 9.14 6.17 16.68
CA SER A 88 8.39 7.36 17.08
C SER A 88 7.34 7.03 18.12
N ASP A 89 6.55 5.97 17.87
CA ASP A 89 5.39 5.66 18.72
C ASP A 89 5.81 5.26 20.13
N MET A 90 7.04 4.80 20.34
CA MET A 90 7.34 4.08 21.58
C MET A 90 7.59 4.99 22.76
N LYS A 91 8.07 6.22 22.53
CA LYS A 91 8.20 7.18 23.62
C LYS A 91 6.86 7.54 24.24
N HIS A 92 5.80 6.93 23.75
CA HIS A 92 4.46 7.03 24.32
C HIS A 92 4.12 5.85 25.21
N TRP A 93 4.71 4.71 25.00
CA TRP A 93 4.31 3.47 25.67
C TRP A 93 5.04 3.30 26.98
N PRO A 94 4.32 3.09 28.10
CA PRO A 94 5.01 2.79 29.37
C PRO A 94 5.54 1.37 29.42
N PHE A 95 5.08 0.49 28.53
CA PHE A 95 5.54 -0.90 28.49
C PHE A 95 6.74 -1.02 27.58
N THR A 96 7.53 -2.07 27.80
CA THR A 96 8.74 -2.31 27.06
C THR A 96 8.45 -3.05 25.76
N VAL A 97 9.09 -2.59 24.68
CA VAL A 97 9.01 -3.23 23.38
C VAL A 97 10.43 -3.39 22.85
N LYS A 98 10.77 -4.60 22.44
CA LYS A 98 12.09 -4.93 21.90
C LYS A 98 11.91 -5.71 20.61
N GLY A 99 13.01 -5.83 19.88
CA GLY A 99 13.02 -6.58 18.63
C GLY A 99 13.65 -7.94 18.84
N GLY A 100 12.98 -8.97 18.32
CA GLY A 100 13.48 -10.32 18.39
C GLY A 100 14.55 -10.58 17.35
N SER A 101 14.95 -11.85 17.26
CA SER A 101 15.93 -12.23 16.25
C SER A 101 15.34 -12.08 14.85
N ASP A 102 14.11 -12.54 14.66
CA ASP A 102 13.42 -12.39 13.38
C ASP A 102 13.18 -10.95 13.02
N GLY A 103 13.44 -10.01 13.92
CA GLY A 103 13.14 -8.62 13.68
C GLY A 103 11.75 -8.16 14.05
N LYS A 104 10.92 -9.04 14.61
CA LYS A 104 9.56 -8.69 14.97
C LYS A 104 9.51 -8.03 16.34
N PRO A 105 8.55 -7.13 16.56
CA PRO A 105 8.41 -6.53 17.89
C PRO A 105 8.07 -7.57 18.94
N MET A 106 8.68 -7.44 20.11
CA MET A 106 8.38 -8.26 21.28
C MET A 106 7.98 -7.34 22.42
N ILE A 107 6.79 -7.55 22.97
CA ILE A 107 6.31 -6.75 24.09
C ILE A 107 6.65 -7.50 25.37
N GLU A 108 7.48 -6.89 26.20
CA GLU A 108 7.96 -7.51 27.43
C GLU A 108 7.19 -6.94 28.62
N VAL A 109 6.76 -7.84 29.51
CA VAL A 109 6.03 -7.44 30.71
C VAL A 109 6.38 -8.43 31.82
N SER A 110 5.83 -8.19 33.02
CA SER A 110 5.92 -9.14 34.13
C SER A 110 4.54 -9.72 34.40
N TYR A 111 4.46 -11.05 34.51
CA TYR A 111 3.20 -11.75 34.73
C TYR A 111 3.44 -12.86 35.74
N GLN A 112 2.82 -12.73 36.91
CA GLN A 112 2.97 -13.72 37.98
C GLN A 112 4.42 -13.81 38.44
N GLY A 113 5.07 -12.66 38.58
CA GLY A 113 6.45 -12.61 39.00
C GLY A 113 7.45 -13.14 37.99
N GLU A 114 7.04 -13.36 36.75
CA GLU A 114 7.89 -13.89 35.71
C GLU A 114 7.92 -12.92 34.53
N LYS A 115 8.98 -13.02 33.72
CA LYS A 115 9.11 -12.23 32.52
C LYS A 115 8.54 -12.98 31.33
N LYS A 116 7.62 -12.36 30.62
CA LYS A 116 6.99 -12.97 29.45
C LYS A 116 7.01 -11.97 28.30
N THR A 117 7.25 -12.47 27.10
CA THR A 117 7.24 -11.66 25.88
C THR A 117 6.14 -12.16 24.96
N PHE A 118 5.48 -11.23 24.30
CA PHE A 118 4.36 -11.54 23.40
C PHE A 118 4.53 -10.79 22.08
N HIS A 119 4.23 -11.47 20.99
CA HIS A 119 4.14 -10.80 19.70
C HIS A 119 2.90 -9.92 19.67
N PRO A 120 2.91 -8.86 18.86
CA PRO A 120 1.73 -7.98 18.81
C PRO A 120 0.43 -8.72 18.50
N GLU A 121 0.48 -9.71 17.59
CA GLU A 121 -0.74 -10.46 17.29
C GLU A 121 -1.21 -11.33 18.45
N GLU A 122 -0.31 -11.70 19.37
CA GLU A 122 -0.71 -12.44 20.56
C GLU A 122 -1.48 -11.54 21.52
N ILE A 123 -1.05 -10.29 21.66
CA ILE A 123 -1.80 -9.32 22.47
C ILE A 123 -3.17 -9.08 21.84
N SER A 124 -3.21 -8.87 20.53
CA SER A 124 -4.48 -8.65 19.84
C SER A 124 -5.38 -9.88 19.92
N SER A 125 -4.79 -11.08 19.89
CA SER A 125 -5.61 -12.28 20.03
C SER A 125 -6.32 -12.30 21.37
N MET A 126 -5.69 -11.75 22.41
CA MET A 126 -6.31 -11.70 23.73
C MET A 126 -7.50 -10.75 23.73
N VAL A 127 -7.38 -9.62 23.02
CA VAL A 127 -8.49 -8.69 22.90
C VAL A 127 -9.62 -9.33 22.11
N LEU A 128 -9.28 -9.98 20.99
CA LEU A 128 -10.29 -10.69 20.20
C LEU A 128 -10.99 -11.78 21.01
N LYS A 129 -10.21 -12.55 21.78
CA LYS A 129 -10.81 -13.59 22.62
C LYS A 129 -11.82 -12.99 23.59
N LYS A 130 -11.51 -11.81 24.13
CA LYS A 130 -12.44 -11.13 25.03
C LYS A 130 -13.73 -10.77 24.31
N MET A 131 -13.60 -10.15 23.11
CA MET A 131 -14.80 -9.81 22.35
C MET A 131 -15.58 -11.06 21.97
N LYS A 132 -14.87 -12.14 21.62
CA LYS A 132 -15.52 -13.42 21.38
C LYS A 132 -16.35 -13.84 22.60
N GLU A 133 -15.73 -13.84 23.78
CA GLU A 133 -16.44 -14.28 24.97
C GLU A 133 -17.60 -13.34 25.29
N VAL A 134 -17.44 -12.05 25.04
CA VAL A 134 -18.54 -11.11 25.24
C VAL A 134 -19.75 -11.53 24.42
N ALA A 135 -19.52 -11.91 23.16
CA ALA A 135 -20.62 -12.36 22.32
C ALA A 135 -21.17 -13.68 22.80
N GLU A 136 -20.29 -14.60 23.24
CA GLU A 136 -20.76 -15.88 23.73
C GLU A 136 -21.64 -15.73 24.97
N THR A 137 -21.26 -14.85 25.90
CA THR A 137 -22.10 -14.62 27.07
C THR A 137 -23.48 -14.11 26.67
N TYR A 138 -23.53 -13.20 25.70
CA TYR A 138 -24.80 -12.65 25.23
C TYR A 138 -25.63 -13.71 24.51
N LEU A 139 -24.96 -14.60 23.78
CA LEU A 139 -25.67 -15.60 22.99
C LEU A 139 -25.91 -16.89 23.75
N GLY A 140 -25.19 -17.14 24.84
CA GLY A 140 -25.35 -18.37 25.56
C GLY A 140 -24.87 -19.60 24.82
N LYS A 141 -24.05 -19.42 23.78
CA LYS A 141 -23.55 -20.56 23.01
C LYS A 141 -22.22 -20.16 22.41
N PRO A 142 -21.38 -21.14 22.08
CA PRO A 142 -20.05 -20.80 21.53
C PRO A 142 -20.15 -20.09 20.19
N VAL A 143 -19.10 -19.33 19.89
CA VAL A 143 -18.97 -18.59 18.63
C VAL A 143 -17.60 -18.91 18.05
N LYS A 144 -17.56 -19.16 16.73
CA LYS A 144 -16.28 -19.39 16.09
C LYS A 144 -16.05 -18.55 14.84
N ASN A 145 -17.08 -18.31 14.05
CA ASN A 145 -16.91 -17.55 12.82
C ASN A 145 -16.96 -16.06 13.10
N ALA A 146 -16.18 -15.29 12.34
CA ALA A 146 -16.10 -13.86 12.56
C ALA A 146 -15.50 -13.15 11.36
N VAL A 147 -15.94 -11.91 11.16
CA VAL A 147 -15.32 -10.95 10.27
C VAL A 147 -14.57 -9.94 11.13
N ILE A 148 -13.35 -9.61 10.74
CA ILE A 148 -12.54 -8.63 11.46
C ILE A 148 -12.14 -7.52 10.49
N THR A 149 -12.25 -6.28 10.96
CA THR A 149 -11.96 -5.11 10.15
C THR A 149 -10.55 -4.62 10.40
N VAL A 150 -9.98 -3.96 9.39
CA VAL A 150 -8.68 -3.29 9.52
C VAL A 150 -8.75 -1.97 8.77
N PRO A 151 -7.86 -1.03 9.10
CA PRO A 151 -7.78 0.21 8.32
C PRO A 151 -7.49 -0.10 6.84
N ALA A 152 -7.92 0.81 5.98
CA ALA A 152 -7.84 0.57 4.55
C ALA A 152 -6.41 0.57 4.08
N TYR A 153 -5.52 1.28 4.78
CA TYR A 153 -4.10 1.34 4.43
C TYR A 153 -3.30 0.16 4.96
N PHE A 154 -3.90 -0.74 5.75
CA PHE A 154 -3.14 -1.88 6.22
C PHE A 154 -2.62 -2.70 5.04
N ASN A 155 -1.36 -3.12 5.13
CA ASN A 155 -0.75 -3.91 4.07
C ASN A 155 -0.95 -5.39 4.35
N ASP A 156 -0.40 -6.23 3.47
CA ASP A 156 -0.60 -7.67 3.56
C ASP A 156 -0.10 -8.21 4.89
N SER A 157 1.06 -7.75 5.34
CA SER A 157 1.59 -8.26 6.61
C SER A 157 0.67 -7.88 7.77
N GLN A 158 0.25 -6.63 7.83
CA GLN A 158 -0.62 -6.20 8.93
C GLN A 158 -1.96 -6.93 8.90
N ARG A 159 -2.49 -7.18 7.70
CA ARG A 159 -3.75 -7.90 7.59
C ARG A 159 -3.59 -9.36 7.98
N GLN A 160 -2.54 -10.02 7.47
CA GLN A 160 -2.33 -11.43 7.77
C GLN A 160 -2.06 -11.61 9.26
N ALA A 161 -1.31 -10.69 9.86
CA ALA A 161 -1.07 -10.75 11.30
C ALA A 161 -2.36 -10.56 12.07
N THR A 162 -3.26 -9.70 11.60
CA THR A 162 -4.57 -9.56 12.23
C THR A 162 -5.39 -10.83 12.07
N LYS A 163 -5.33 -11.47 10.90
CA LYS A 163 -6.02 -12.73 10.71
C LYS A 163 -5.46 -13.79 11.65
N ASP A 164 -4.11 -13.85 11.75
CA ASP A 164 -3.48 -14.82 12.64
C ASP A 164 -3.93 -14.60 14.09
N ALA A 165 -4.00 -13.35 14.53
CA ALA A 165 -4.53 -13.06 15.86
C ALA A 165 -5.92 -13.68 16.05
N GLY A 166 -6.78 -13.59 15.04
CA GLY A 166 -8.08 -14.22 15.14
C GLY A 166 -7.97 -15.72 15.34
N ALA A 167 -7.11 -16.37 14.56
CA ALA A 167 -6.95 -17.81 14.68
C ALA A 167 -6.40 -18.18 16.05
N ILE A 168 -5.50 -17.37 16.60
CA ILE A 168 -4.99 -17.62 17.95
C ILE A 168 -6.12 -17.55 18.97
N ALA A 169 -7.11 -16.68 18.74
CA ALA A 169 -8.22 -16.52 19.67
C ALA A 169 -9.27 -17.60 19.51
N GLY A 170 -9.06 -18.56 18.61
CA GLY A 170 -10.03 -19.61 18.39
C GLY A 170 -11.11 -19.27 17.38
N LEU A 171 -10.95 -18.18 16.63
CA LEU A 171 -11.96 -17.73 15.70
C LEU A 171 -11.67 -18.25 14.30
N ASN A 172 -12.73 -18.62 13.58
CA ASN A 172 -12.64 -18.90 12.14
C ASN A 172 -12.86 -17.56 11.44
N VAL A 173 -11.78 -16.96 10.95
CA VAL A 173 -11.85 -15.64 10.33
C VAL A 173 -12.37 -15.79 8.91
N LEU A 174 -13.64 -15.42 8.70
CA LEU A 174 -14.25 -15.56 7.38
C LEU A 174 -13.66 -14.56 6.38
N ARG A 175 -13.29 -13.36 6.84
CA ARG A 175 -12.76 -12.36 5.93
C ARG A 175 -12.27 -11.16 6.73
N ILE A 176 -11.16 -10.58 6.26
CA ILE A 176 -10.69 -9.28 6.71
C ILE A 176 -11.25 -8.22 5.76
N ILE A 177 -11.79 -7.14 6.29
CA ILE A 177 -12.42 -6.11 5.46
C ILE A 177 -12.00 -4.74 5.99
N ASN A 178 -12.16 -3.74 5.14
CA ASN A 178 -11.74 -2.38 5.47
C ASN A 178 -12.72 -1.71 6.42
N GLU A 179 -12.17 -1.00 7.42
CA GLU A 179 -13.00 -0.26 8.39
C GLU A 179 -13.93 0.74 7.68
N PRO A 180 -13.44 1.61 6.79
CA PRO A 180 -14.37 2.54 6.14
C PRO A 180 -15.45 1.86 5.31
N THR A 181 -15.14 0.75 4.65
CA THR A 181 -16.15 0.03 3.89
C THR A 181 -17.16 -0.61 4.83
N ALA A 182 -16.71 -1.13 5.97
CA ALA A 182 -17.66 -1.63 6.98
C ALA A 182 -18.62 -0.54 7.41
N ALA A 183 -18.12 0.68 7.64
CA ALA A 183 -18.96 1.77 8.10
C ALA A 183 -20.01 2.12 7.04
N ALA A 184 -19.62 2.11 5.77
CA ALA A 184 -20.56 2.38 4.69
C ALA A 184 -21.61 1.29 4.60
N ILE A 185 -21.20 0.03 4.68
CA ILE A 185 -22.15 -1.09 4.69
C ILE A 185 -23.16 -0.91 5.80
N ALA A 186 -22.70 -0.49 6.99
CA ALA A 186 -23.59 -0.30 8.13
C ALA A 186 -24.80 0.57 7.78
N TYR A 187 -24.58 1.60 6.98
CA TYR A 187 -25.65 2.51 6.60
C TYR A 187 -26.44 2.03 5.37
N GLY A 188 -26.16 0.85 4.87
CA GLY A 188 -26.86 0.36 3.69
C GLY A 188 -26.80 1.28 2.49
N LEU A 189 -25.68 1.94 2.29
CA LEU A 189 -25.52 2.88 1.18
C LEU A 189 -25.46 2.15 -0.15
N GLY A 195 -27.08 3.73 -8.65
CA GLY A 195 -26.15 4.57 -9.37
C GLY A 195 -24.90 4.83 -8.57
N GLU A 196 -23.87 5.39 -9.21
CA GLU A 196 -22.61 5.60 -8.52
C GLU A 196 -22.80 6.59 -7.37
N GLN A 197 -22.20 6.27 -6.23
CA GLN A 197 -22.24 7.14 -5.06
C GLN A 197 -20.83 7.36 -4.56
N ASN A 198 -20.45 8.62 -4.35
CA ASN A 198 -19.17 8.99 -3.76
C ASN A 198 -19.38 9.20 -2.26
N ILE A 199 -18.67 8.43 -1.46
CA ILE A 199 -18.90 8.37 -0.02
C ILE A 199 -17.59 8.71 0.69
N LEU A 200 -17.67 9.63 1.65
CA LEU A 200 -16.50 10.06 2.42
C LEU A 200 -16.67 9.61 3.87
N ILE A 201 -15.75 8.78 4.33
CA ILE A 201 -15.74 8.27 5.68
C ILE A 201 -14.79 9.15 6.50
N PHE A 202 -15.31 9.74 7.56
CA PHE A 202 -14.54 10.63 8.46
C PHE A 202 -14.48 9.90 9.79
N ASP A 203 -13.34 9.28 10.08
CA ASP A 203 -13.17 8.38 11.22
C ASP A 203 -12.17 8.99 12.18
N LEU A 204 -12.68 9.62 13.25
CA LEU A 204 -11.82 10.25 14.25
C LEU A 204 -12.01 9.52 15.58
N GLY A 205 -11.04 8.69 15.91
CA GLY A 205 -11.12 7.82 17.07
C GLY A 205 -10.35 8.33 18.27
N GLY A 206 -9.80 7.37 19.02
CA GLY A 206 -9.16 7.72 20.27
C GLY A 206 -7.69 8.06 20.08
N GLY A 207 -7.06 7.52 19.02
CA GLY A 207 -5.65 7.76 18.79
C GLY A 207 -5.30 8.08 17.35
N THR A 208 -6.24 7.85 16.44
CA THR A 208 -5.97 7.96 15.01
C THR A 208 -7.14 8.66 14.31
N PHE A 209 -6.82 9.21 13.13
CA PHE A 209 -7.77 9.89 12.27
C PHE A 209 -7.60 9.35 10.85
N ASP A 210 -8.66 8.80 10.29
CA ASP A 210 -8.62 8.24 8.95
C ASP A 210 -9.73 8.85 8.12
N VAL A 211 -9.39 9.34 6.94
CA VAL A 211 -10.36 9.84 5.97
C VAL A 211 -10.24 8.99 4.73
N SER A 212 -11.36 8.43 4.27
CA SER A 212 -11.39 7.57 3.10
C SER A 212 -12.50 8.03 2.16
N LEU A 213 -12.19 8.06 0.87
CA LEU A 213 -13.18 8.33 -0.16
C LEU A 213 -13.45 7.04 -0.91
N LEU A 214 -14.71 6.65 -0.97
CA LEU A 214 -15.15 5.41 -1.57
C LEU A 214 -16.08 5.70 -2.74
N THR A 215 -16.14 4.77 -3.70
CA THR A 215 -17.17 4.78 -4.73
C THR A 215 -18.01 3.51 -4.62
N LEU A 216 -19.32 3.64 -4.76
CA LEU A 216 -20.24 2.51 -4.75
C LEU A 216 -20.77 2.32 -6.17
N GLU A 217 -20.32 1.25 -6.83
CA GLU A 217 -20.71 0.96 -8.20
C GLU A 217 -21.23 -0.48 -8.26
N ASP A 218 -22.49 -0.64 -8.64
CA ASP A 218 -23.11 -1.95 -8.75
C ASP A 218 -22.97 -2.72 -7.44
N GLY A 219 -23.29 -2.04 -6.34
CA GLY A 219 -23.20 -2.65 -5.03
C GLY A 219 -21.80 -3.02 -4.58
N ILE A 220 -20.78 -2.58 -5.30
CA ILE A 220 -19.39 -2.92 -4.99
C ILE A 220 -18.66 -1.66 -4.60
N PHE A 221 -18.00 -1.70 -3.44
CA PHE A 221 -17.25 -0.56 -2.93
C PHE A 221 -15.81 -0.57 -3.42
N GLU A 222 -15.29 0.62 -3.70
CA GLU A 222 -13.90 0.77 -4.10
C GLU A 222 -13.31 1.95 -3.34
N VAL A 223 -12.16 1.71 -2.70
CA VAL A 223 -11.45 2.76 -1.97
C VAL A 223 -10.64 3.55 -3.00
N LYS A 224 -11.01 4.81 -3.21
CA LYS A 224 -10.39 5.63 -4.24
C LYS A 224 -9.23 6.45 -3.69
N ALA A 225 -9.28 6.83 -2.42
CA ALA A 225 -8.19 7.62 -1.82
C ALA A 225 -8.31 7.51 -0.31
N THR A 226 -7.16 7.61 0.38
CA THR A 226 -7.17 7.66 1.83
C THR A 226 -6.17 8.70 2.31
N SER A 227 -6.43 9.25 3.49
CA SER A 227 -5.48 10.12 4.17
C SER A 227 -5.90 10.17 5.64
N GLY A 228 -5.24 11.02 6.42
CA GLY A 228 -5.52 11.17 7.82
C GLY A 228 -4.26 11.52 8.61
N ASP A 229 -4.28 11.13 9.88
CA ASP A 229 -3.18 11.43 10.81
C ASP A 229 -3.16 10.33 11.85
N THR A 230 -2.14 9.50 11.82
CA THR A 230 -2.05 8.39 12.76
C THR A 230 -1.80 8.81 14.19
N HIS A 231 -1.59 10.10 14.45
CA HIS A 231 -1.43 10.63 15.80
C HIS A 231 -2.30 11.86 16.00
N LEU A 232 -3.56 11.74 15.61
CA LEU A 232 -4.58 12.72 15.98
C LEU A 232 -5.83 11.94 16.39
N GLY A 233 -6.25 12.12 17.62
CA GLY A 233 -7.45 11.46 18.11
C GLY A 233 -7.91 12.10 19.39
N GLY A 234 -8.94 11.47 20.00
CA GLY A 234 -9.50 11.98 21.23
C GLY A 234 -8.46 12.16 22.32
N GLU A 235 -7.54 11.23 22.44
CA GLU A 235 -6.53 11.31 23.50
C GLU A 235 -5.75 12.61 23.42
N ASP A 236 -5.51 13.13 22.22
CA ASP A 236 -4.81 14.40 22.10
C ASP A 236 -5.67 15.56 22.57
N PHE A 237 -7.00 15.48 22.40
CA PHE A 237 -7.88 16.48 22.97
C PHE A 237 -7.84 16.40 24.49
N ASP A 238 -7.73 15.19 25.03
CA ASP A 238 -7.57 15.03 26.46
C ASP A 238 -6.31 15.72 26.95
N ASN A 239 -5.24 15.67 26.15
CA ASN A 239 -3.96 16.21 26.59
C ASN A 239 -3.96 17.72 26.59
N LYS A 240 -4.80 18.35 25.76
CA LYS A 240 -4.95 19.80 25.81
C LYS A 240 -5.61 20.21 27.12
N LEU A 241 -6.64 19.47 27.55
CA LEU A 241 -7.22 19.73 28.87
C LEU A 241 -6.22 19.43 29.98
N VAL A 242 -5.41 18.40 29.83
CA VAL A 242 -4.38 18.09 30.83
C VAL A 242 -3.37 19.23 30.92
N ASN A 243 -2.89 19.71 29.76
CA ASN A 243 -1.93 20.82 29.79
C ASN A 243 -2.53 22.04 30.47
N PHE A 244 -3.79 22.36 30.15
CA PHE A 244 -4.46 23.49 30.78
C PHE A 244 -4.52 23.29 32.30
N CYS A 245 -4.94 22.11 32.75
CA CYS A 245 -5.06 21.86 34.17
C CYS A 245 -3.71 21.91 34.88
N VAL A 246 -2.63 21.49 34.22
CA VAL A 246 -1.32 21.57 34.83
C VAL A 246 -0.91 23.01 35.06
N GLN A 247 -1.13 23.88 34.07
CA GLN A 247 -0.86 25.30 34.25
C GLN A 247 -1.77 25.89 35.32
N ASP A 248 -3.04 25.49 35.32
CA ASP A 248 -3.98 26.00 36.31
C ASP A 248 -3.57 25.61 37.72
N PHE A 249 -3.22 24.34 37.92
CA PHE A 249 -2.77 23.88 39.23
C PHE A 249 -1.56 24.68 39.69
N LYS A 250 -0.63 24.95 38.79
CA LYS A 250 0.57 25.70 39.15
C LYS A 250 0.23 27.13 39.57
N LYS A 251 -0.76 27.74 38.92
CA LYS A 251 -1.12 29.12 39.22
C LYS A 251 -1.75 29.25 40.59
N LYS A 252 -2.42 28.20 41.08
CA LYS A 252 -3.14 28.27 42.35
C LYS A 252 -2.44 27.51 43.47
N ASN A 253 -1.36 26.80 43.19
CA ASN A 253 -0.65 26.04 44.20
C ASN A 253 0.82 26.40 44.24
N GLY A 254 1.13 27.70 44.14
CA GLY A 254 2.50 28.16 44.29
C GLY A 254 3.47 27.56 43.31
N GLY A 255 3.02 27.23 42.11
CA GLY A 255 3.90 26.73 41.07
C GLY A 255 4.22 25.25 41.14
N LYS A 256 3.55 24.49 42.00
CA LYS A 256 3.79 23.05 42.06
C LYS A 256 3.39 22.40 40.73
N ASP A 257 4.28 21.57 40.19
CA ASP A 257 4.13 21.02 38.85
C ASP A 257 3.65 19.57 38.94
N VAL A 258 2.37 19.36 38.61
CA VAL A 258 1.81 18.02 38.69
C VAL A 258 2.44 17.09 37.65
N SER A 259 2.92 17.64 36.54
CA SER A 259 3.41 16.79 35.46
C SER A 259 4.63 15.96 35.86
N LYS A 260 5.32 16.35 36.94
CA LYS A 260 6.50 15.62 37.36
C LYS A 260 6.16 14.25 37.96
N ASN A 261 4.89 13.97 38.23
CA ASN A 261 4.46 12.69 38.77
C ASN A 261 3.59 12.00 37.73
N SER A 262 3.98 10.80 37.33
CA SER A 262 3.26 10.12 36.25
C SER A 262 1.89 9.63 36.70
N LYS A 263 1.80 9.12 37.93
CA LYS A 263 0.50 8.68 38.45
C LYS A 263 -0.48 9.85 38.49
N SER A 264 -0.05 10.99 39.03
CA SER A 264 -0.92 12.16 39.10
C SER A 264 -1.42 12.55 37.72
N LEU A 265 -0.53 12.58 36.72
CA LEU A 265 -0.95 12.92 35.37
C LEU A 265 -2.00 11.94 34.85
N ARG A 266 -1.72 10.64 34.97
CA ARG A 266 -2.65 9.64 34.46
C ARG A 266 -4.00 9.76 35.15
N ARG A 267 -3.99 9.95 36.48
CA ARG A 267 -5.23 10.21 37.19
C ARG A 267 -5.91 11.45 36.66
N LEU A 268 -5.13 12.48 36.30
CA LEU A 268 -5.71 13.70 35.77
C LEU A 268 -6.22 13.51 34.34
N ARG A 269 -5.46 12.82 33.50
CA ARG A 269 -5.93 12.56 32.14
C ARG A 269 -7.24 11.80 32.15
N THR A 270 -7.37 10.80 33.02
CA THR A 270 -8.61 10.05 33.08
C THR A 270 -9.80 10.96 33.30
N GLN A 271 -9.66 11.94 34.21
CA GLN A 271 -10.77 12.86 34.49
C GLN A 271 -10.96 13.87 33.35
N CYS A 272 -9.89 14.25 32.66
CA CYS A 272 -10.03 15.14 31.51
C CYS A 272 -10.83 14.48 30.40
N GLU A 273 -10.54 13.20 30.12
CA GLU A 273 -11.32 12.49 29.12
C GLU A 273 -12.81 12.41 29.51
N LYS A 274 -13.09 12.16 30.78
CA LYS A 274 -14.48 12.09 31.22
C LYS A 274 -15.18 13.41 30.97
N ALA A 275 -14.57 14.52 31.38
CA ALA A 275 -15.18 15.84 31.19
C ALA A 275 -15.34 16.19 29.73
N LYS A 276 -14.36 15.84 28.90
CA LYS A 276 -14.47 16.06 27.47
C LYS A 276 -15.76 15.47 26.93
N ARG A 277 -16.12 14.24 27.36
CA ARG A 277 -17.34 13.61 26.87
C ARG A 277 -18.57 14.39 27.31
N VAL A 278 -18.56 14.90 28.55
CA VAL A 278 -19.67 15.69 29.04
C VAL A 278 -19.88 16.91 28.16
N LEU A 279 -18.79 17.55 27.72
CA LEU A 279 -18.88 18.77 26.94
C LEU A 279 -19.47 18.55 25.56
N SER A 280 -19.58 17.29 25.11
CA SER A 280 -20.27 17.02 23.85
C SER A 280 -21.79 17.18 23.96
N SER A 281 -22.34 17.23 25.17
CA SER A 281 -23.77 17.41 25.34
C SER A 281 -24.15 18.46 26.37
N SER A 282 -23.19 18.99 27.13
CA SER A 282 -23.44 20.06 28.08
C SER A 282 -22.54 21.26 27.78
N ALA A 283 -22.94 22.42 28.29
CA ALA A 283 -22.21 23.65 28.02
C ALA A 283 -20.94 23.80 28.86
N GLN A 284 -20.78 22.99 29.91
CA GLN A 284 -19.58 23.05 30.73
C GLN A 284 -19.46 21.75 31.52
N ALA A 285 -18.28 21.54 32.08
CA ALA A 285 -18.00 20.32 32.82
C ALA A 285 -16.96 20.62 33.90
N THR A 286 -16.90 19.74 34.89
CA THR A 286 -15.94 19.85 35.98
C THR A 286 -14.90 18.75 35.89
N ILE A 287 -13.64 19.10 36.13
CA ILE A 287 -12.55 18.13 36.25
C ILE A 287 -12.11 18.12 37.70
N GLU A 288 -12.23 16.97 38.35
CA GLU A 288 -12.02 16.85 39.79
C GLU A 288 -11.10 15.68 40.09
N VAL A 289 -10.07 15.95 40.90
CA VAL A 289 -9.13 14.91 41.32
C VAL A 289 -8.77 15.18 42.77
N ASP A 290 -9.24 14.32 43.67
CA ASP A 290 -8.91 14.46 45.08
C ASP A 290 -7.51 13.93 45.34
N SER A 291 -6.71 14.70 46.09
CA SER A 291 -5.32 14.36 46.36
C SER A 291 -4.58 14.05 45.06
N LEU A 292 -4.65 15.01 44.12
CA LEU A 292 -3.99 14.84 42.83
C LEU A 292 -2.47 14.82 42.98
N PHE A 293 -1.91 15.86 43.60
CA PHE A 293 -0.48 16.00 43.78
C PHE A 293 -0.24 16.40 45.23
N ASP A 294 0.68 15.71 45.89
CA ASP A 294 0.88 15.87 47.34
C ASP A 294 -0.49 15.55 47.96
N GLY A 295 -0.98 16.35 48.89
CA GLY A 295 -2.31 16.13 49.43
C GLY A 295 -3.33 17.13 48.93
N ILE A 296 -3.04 17.75 47.80
CA ILE A 296 -3.83 18.87 47.32
C ILE A 296 -4.93 18.36 46.40
N ASP A 297 -6.17 18.72 46.72
CA ASP A 297 -7.29 18.44 45.83
C ASP A 297 -7.26 19.42 44.66
N TYR A 298 -7.76 18.96 43.51
CA TYR A 298 -7.85 19.81 42.34
C TYR A 298 -9.27 19.83 41.81
N ASN A 299 -9.70 20.99 41.33
CA ASN A 299 -11.07 21.19 40.85
C ASN A 299 -11.10 22.40 39.94
N VAL A 300 -11.64 22.23 38.74
CA VAL A 300 -11.75 23.33 37.78
C VAL A 300 -13.00 23.13 36.96
N ASN A 301 -13.55 24.23 36.46
CA ASN A 301 -14.71 24.21 35.59
C ASN A 301 -14.27 24.57 34.17
N ILE A 302 -14.68 23.76 33.20
CA ILE A 302 -14.29 23.94 31.80
C ILE A 302 -15.56 24.13 30.97
N THR A 303 -15.66 25.26 30.28
CA THR A 303 -16.77 25.50 29.37
C THR A 303 -16.46 24.87 28.01
N ARG A 304 -17.53 24.63 27.25
CA ARG A 304 -17.33 24.12 25.90
C ARG A 304 -16.46 25.07 25.08
N ALA A 305 -16.71 26.38 25.21
CA ALA A 305 -15.95 27.36 24.46
C ALA A 305 -14.46 27.23 24.75
N LYS A 306 -14.09 27.17 26.02
CA LYS A 306 -12.67 27.05 26.35
C LYS A 306 -12.07 25.75 25.81
N PHE A 307 -12.82 24.65 25.92
CA PHE A 307 -12.35 23.39 25.37
C PHE A 307 -12.20 23.50 23.85
N GLU A 308 -13.21 24.07 23.19
CA GLU A 308 -13.10 24.31 21.75
C GLU A 308 -11.89 25.19 21.45
N GLU A 309 -11.73 26.27 22.21
CA GLU A 309 -10.62 27.18 21.98
C GLU A 309 -9.28 26.46 22.06
N LEU A 310 -9.11 25.59 23.06
CA LEU A 310 -7.84 24.91 23.24
C LEU A 310 -7.54 23.97 22.08
N CYS A 311 -8.58 23.43 21.43
CA CYS A 311 -8.42 22.43 20.38
C CYS A 311 -8.72 22.97 18.98
N MET A 312 -8.93 24.28 18.81
CA MET A 312 -9.47 24.78 17.55
C MET A 312 -8.55 24.43 16.38
N ASP A 313 -7.26 24.69 16.52
CA ASP A 313 -6.32 24.42 15.44
C ASP A 313 -6.34 22.95 15.05
N GLN A 314 -6.46 22.07 16.05
CA GLN A 314 -6.50 20.64 15.76
C GLN A 314 -7.84 20.24 15.14
N PHE A 315 -8.92 20.83 15.63
CA PHE A 315 -10.24 20.64 15.00
C PHE A 315 -10.21 21.11 13.55
N ARG A 316 -9.64 22.30 13.30
CA ARG A 316 -9.61 22.85 11.95
C ARG A 316 -8.83 21.95 11.02
N ASN A 317 -7.75 21.36 11.52
CA ASN A 317 -6.84 20.63 10.65
C ASN A 317 -7.33 19.25 10.27
N THR A 318 -8.41 18.76 10.88
CA THR A 318 -9.03 17.53 10.41
C THR A 318 -9.50 17.68 8.96
N LEU A 319 -9.72 18.91 8.51
CA LEU A 319 -10.23 19.13 7.16
C LEU A 319 -9.15 18.99 6.09
N ILE A 320 -7.88 19.06 6.46
CA ILE A 320 -6.79 19.05 5.49
C ILE A 320 -6.72 17.66 4.86
N PRO A 321 -6.79 16.58 5.63
CA PRO A 321 -6.89 15.25 5.00
C PRO A 321 -8.12 15.06 4.13
N VAL A 322 -9.24 15.70 4.49
CA VAL A 322 -10.44 15.66 3.66
C VAL A 322 -10.14 16.27 2.29
N GLU A 323 -9.49 17.44 2.28
CA GLU A 323 -9.13 18.06 1.01
C GLU A 323 -8.17 17.20 0.22
N LYS A 324 -7.32 16.44 0.91
CA LYS A 324 -6.30 15.65 0.21
C LYS A 324 -6.93 14.48 -0.52
N VAL A 325 -7.83 13.74 0.14
CA VAL A 325 -8.46 12.60 -0.52
C VAL A 325 -9.26 13.06 -1.73
N LEU A 326 -9.90 14.24 -1.62
CA LEU A 326 -10.66 14.76 -2.74
C LEU A 326 -9.75 15.17 -3.87
N LYS A 327 -8.63 15.84 -3.54
CA LYS A 327 -7.63 16.15 -4.54
C LYS A 327 -7.14 14.87 -5.22
N ASP A 328 -6.83 13.84 -4.42
CA ASP A 328 -6.29 12.61 -4.99
C ASP A 328 -7.33 11.87 -5.79
N ALA A 329 -8.61 12.06 -5.49
CA ALA A 329 -9.69 11.42 -6.23
C ALA A 329 -10.18 12.27 -7.40
N LYS A 330 -9.54 13.41 -7.68
CA LYS A 330 -9.95 14.28 -8.76
C LYS A 330 -11.42 14.64 -8.64
N MET A 331 -11.82 15.05 -7.43
CA MET A 331 -13.22 15.19 -7.06
C MET A 331 -13.43 16.52 -6.35
N ASP A 332 -14.54 17.17 -6.68
CA ASP A 332 -14.97 18.38 -6.00
C ASP A 332 -15.85 17.98 -4.82
N LYS A 333 -15.75 18.73 -3.72
CA LYS A 333 -16.44 18.32 -2.50
C LYS A 333 -17.96 18.29 -2.71
N SER A 334 -18.49 19.06 -3.66
CA SER A 334 -19.91 19.02 -3.96
C SER A 334 -20.34 17.73 -4.64
N GLN A 335 -19.39 16.88 -5.04
CA GLN A 335 -19.71 15.60 -5.66
C GLN A 335 -19.85 14.45 -4.66
N VAL A 336 -19.68 14.72 -3.37
CA VAL A 336 -19.81 13.70 -2.34
C VAL A 336 -21.28 13.52 -2.01
N HIS A 337 -21.76 12.27 -2.13
CA HIS A 337 -23.18 12.01 -1.90
C HIS A 337 -23.49 11.81 -0.41
N GLU A 338 -22.58 11.22 0.35
CA GLU A 338 -22.80 10.99 1.78
C GLU A 338 -21.49 11.18 2.54
N ILE A 339 -21.61 11.76 3.74
CA ILE A 339 -20.49 11.88 4.68
C ILE A 339 -20.85 11.06 5.91
N VAL A 340 -20.00 10.08 6.23
CA VAL A 340 -20.26 9.14 7.31
C VAL A 340 -19.30 9.47 8.46
N LEU A 341 -19.87 9.77 9.64
CA LEU A 341 -19.08 10.07 10.83
C LEU A 341 -18.85 8.79 11.62
N VAL A 342 -17.58 8.42 11.76
CA VAL A 342 -17.14 7.24 12.47
C VAL A 342 -16.17 7.71 13.56
N GLY A 343 -16.05 6.91 14.60
CA GLY A 343 -15.12 7.22 15.68
C GLY A 343 -15.77 8.02 16.79
N GLY A 344 -15.50 7.67 18.05
CA GLY A 344 -16.17 8.32 19.17
C GLY A 344 -15.93 9.81 19.24
N SER A 345 -14.80 10.28 18.68
CA SER A 345 -14.51 11.70 18.75
C SER A 345 -15.38 12.53 17.82
N THR A 346 -16.06 11.91 16.83
CA THR A 346 -16.96 12.69 16.00
C THR A 346 -18.23 13.09 16.77
N ARG A 347 -18.35 12.70 18.04
CA ARG A 347 -19.43 13.20 18.88
C ARG A 347 -19.23 14.67 19.29
N ILE A 348 -18.04 15.22 19.13
CA ILE A 348 -17.77 16.61 19.50
C ILE A 348 -18.54 17.53 18.58
N PRO A 349 -19.40 18.40 19.10
CA PRO A 349 -20.22 19.24 18.21
C PRO A 349 -19.41 20.13 17.29
N LYS A 350 -18.28 20.67 17.76
CA LYS A 350 -17.51 21.57 16.92
C LYS A 350 -16.93 20.82 15.72
N ILE A 351 -16.49 19.57 15.90
CA ILE A 351 -16.05 18.76 14.77
C ILE A 351 -17.19 18.60 13.77
N GLN A 352 -18.39 18.23 14.25
CA GLN A 352 -19.52 18.08 13.34
C GLN A 352 -19.81 19.37 12.60
N GLN A 353 -19.71 20.50 13.31
CA GLN A 353 -19.99 21.80 12.71
C GLN A 353 -18.98 22.12 11.62
N LEU A 354 -17.71 21.86 11.85
CA LEU A 354 -16.69 22.12 10.84
C LEU A 354 -16.90 21.29 9.58
N ILE A 355 -17.22 20.00 9.75
CA ILE A 355 -17.45 19.12 8.61
C ILE A 355 -18.64 19.63 7.80
N LYS A 356 -19.76 19.86 8.47
CA LYS A 356 -20.97 20.30 7.80
C LYS A 356 -20.71 21.59 7.01
N ASP A 357 -20.02 22.54 7.64
CA ASP A 357 -19.75 23.80 6.96
C ASP A 357 -18.90 23.57 5.73
N PHE A 358 -17.82 22.78 5.87
CA PHE A 358 -16.96 22.49 4.74
C PHE A 358 -17.76 21.92 3.56
N PHE A 359 -18.67 20.99 3.85
CA PHE A 359 -19.54 20.42 2.84
C PHE A 359 -20.80 21.25 2.63
N ASN A 360 -20.74 22.56 2.90
CA ASN A 360 -21.78 23.49 2.51
C ASN A 360 -23.15 23.10 3.08
N GLY A 361 -23.15 22.66 4.32
CA GLY A 361 -24.38 22.41 5.04
C GLY A 361 -24.95 21.02 4.87
N LYS A 362 -24.24 20.12 4.18
CA LYS A 362 -24.74 18.77 4.01
C LYS A 362 -24.79 18.07 5.37
N GLU A 363 -25.93 17.48 5.70
CA GLU A 363 -26.06 16.73 6.93
C GLU A 363 -25.29 15.42 6.78
N PRO A 364 -24.47 15.06 7.76
CA PRO A 364 -23.76 13.78 7.68
C PRO A 364 -24.59 12.60 8.15
N CYS A 365 -24.19 11.41 7.72
CA CYS A 365 -24.70 10.17 8.28
C CYS A 365 -24.06 9.96 9.65
N LYS A 366 -24.88 10.04 10.71
CA LYS A 366 -24.35 9.88 12.05
C LYS A 366 -25.32 9.16 12.98
N ALA A 367 -26.41 8.60 12.44
CA ALA A 367 -27.43 8.00 13.30
C ALA A 367 -26.87 6.82 14.07
N ILE A 368 -25.92 6.08 13.47
CA ILE A 368 -25.35 4.93 14.15
C ILE A 368 -24.28 5.45 15.09
N ASN A 369 -24.37 5.05 16.37
CA ASN A 369 -23.33 5.43 17.33
C ASN A 369 -21.96 5.33 16.68
N PRO A 370 -21.20 6.42 16.60
CA PRO A 370 -20.01 6.43 15.70
C PRO A 370 -18.91 5.44 16.09
N ASP A 371 -18.79 5.09 17.36
CA ASP A 371 -17.82 4.08 17.76
C ASP A 371 -18.34 2.66 17.61
N GLU A 372 -19.54 2.46 17.04
CA GLU A 372 -20.06 1.14 16.78
C GLU A 372 -20.25 0.85 15.29
N ALA A 373 -20.21 1.87 14.44
CA ALA A 373 -20.57 1.69 13.04
C ALA A 373 -19.70 0.64 12.33
N VAL A 374 -18.42 0.57 12.69
CA VAL A 374 -17.52 -0.36 12.04
C VAL A 374 -17.91 -1.79 12.39
N ALA A 375 -18.13 -2.06 13.68
CA ALA A 375 -18.59 -3.39 14.09
C ALA A 375 -19.94 -3.68 13.47
N TYR A 376 -20.81 -2.67 13.43
CA TYR A 376 -22.13 -2.79 12.83
C TYR A 376 -22.05 -3.36 11.41
N GLY A 377 -21.27 -2.72 10.55
CA GLY A 377 -21.14 -3.21 9.20
C GLY A 377 -20.42 -4.54 9.14
N ALA A 378 -19.40 -4.74 9.98
CA ALA A 378 -18.72 -6.02 10.01
C ALA A 378 -19.69 -7.16 10.30
N ALA A 379 -20.58 -6.97 11.26
CA ALA A 379 -21.59 -7.98 11.57
C ALA A 379 -22.49 -8.23 10.38
N VAL A 380 -22.84 -7.18 9.62
CA VAL A 380 -23.65 -7.34 8.42
C VAL A 380 -22.94 -8.28 7.44
N GLN A 381 -21.66 -7.99 7.18
CA GLN A 381 -20.90 -8.80 6.24
C GLN A 381 -20.73 -10.22 6.76
N ALA A 382 -20.58 -10.38 8.07
CA ALA A 382 -20.47 -11.73 8.65
C ALA A 382 -21.74 -12.53 8.40
N ALA A 383 -22.89 -11.87 8.48
CA ALA A 383 -24.15 -12.57 8.26
C ALA A 383 -24.28 -13.00 6.80
N ILE A 384 -24.00 -12.08 5.87
CA ILE A 384 -24.10 -12.37 4.45
C ILE A 384 -23.16 -13.52 4.09
N LEU A 385 -21.93 -13.47 4.59
CA LEU A 385 -20.98 -14.54 4.30
C LEU A 385 -21.37 -15.86 4.96
N SER A 386 -22.37 -15.86 5.84
CA SER A 386 -22.88 -17.08 6.47
C SER A 386 -24.09 -17.64 5.74
N GLY A 387 -24.45 -17.05 4.59
CA GLY A 387 -25.63 -17.48 3.88
C GLY A 387 -26.91 -16.76 4.23
N ASP A 388 -26.87 -15.82 5.18
CA ASP A 388 -28.05 -15.09 5.62
C ASP A 388 -28.14 -13.79 4.83
N GLN A 389 -29.00 -13.78 3.81
CA GLN A 389 -29.20 -12.58 2.99
C GLN A 389 -30.29 -11.66 3.55
N SER A 390 -30.75 -11.90 4.77
CA SER A 390 -31.75 -11.06 5.40
C SER A 390 -31.17 -9.66 5.66
N SER B 6 -5.86 -21.90 1.37
CA SER B 6 -5.26 -22.32 0.10
C SER B 6 -3.82 -21.84 -0.03
N GLU B 7 -2.97 -22.67 -0.64
CA GLU B 7 -1.56 -22.36 -0.75
C GLU B 7 -1.36 -21.04 -1.49
N VAL B 8 -0.38 -20.26 -1.01
CA VAL B 8 -0.14 -18.92 -1.53
C VAL B 8 0.56 -19.02 -2.88
N ALA B 9 0.17 -18.17 -3.81
CA ALA B 9 0.74 -18.11 -5.14
C ALA B 9 1.13 -16.67 -5.45
N ILE B 10 2.20 -16.50 -6.20
CA ILE B 10 2.71 -15.18 -6.55
C ILE B 10 2.40 -14.88 -8.01
N GLY B 11 2.32 -13.60 -8.31
CA GLY B 11 2.30 -13.11 -9.67
C GLY B 11 3.64 -12.45 -9.96
N ILE B 12 4.19 -12.74 -11.15
CA ILE B 12 5.51 -12.23 -11.54
C ILE B 12 5.36 -11.51 -12.87
N ASP B 13 5.77 -10.25 -12.90
CA ASP B 13 6.01 -9.53 -14.14
C ASP B 13 7.47 -9.80 -14.53
N LEU B 14 7.66 -10.73 -15.47
CA LEU B 14 8.99 -10.99 -16.05
C LEU B 14 9.25 -9.99 -17.16
N GLY B 15 9.73 -8.81 -16.75
CA GLY B 15 9.77 -7.67 -17.65
C GLY B 15 11.02 -7.62 -18.51
N THR B 16 10.94 -6.80 -19.55
CA THR B 16 12.06 -6.68 -20.49
C THR B 16 13.31 -6.13 -19.78
N THR B 17 13.15 -5.04 -19.02
CA THR B 17 14.27 -4.48 -18.26
C THR B 17 14.12 -4.58 -16.75
N TYR B 18 12.90 -4.53 -16.21
CA TYR B 18 12.67 -4.72 -14.78
C TYR B 18 11.59 -5.77 -14.57
N SER B 19 11.76 -6.62 -13.55
CA SER B 19 10.74 -7.57 -13.13
C SER B 19 10.21 -7.21 -11.75
N CYS B 20 9.02 -7.74 -11.44
CA CYS B 20 8.26 -7.36 -10.26
C CYS B 20 7.41 -8.53 -9.79
N VAL B 21 7.26 -8.66 -8.46
CA VAL B 21 6.54 -9.78 -7.87
C VAL B 21 5.54 -9.29 -6.83
N GLY B 22 4.37 -9.93 -6.81
CA GLY B 22 3.33 -9.54 -5.86
C GLY B 22 2.52 -10.73 -5.37
N ILE B 23 1.81 -10.51 -4.25
CA ILE B 23 0.94 -11.51 -3.66
C ILE B 23 -0.41 -10.86 -3.42
N CYS B 24 -1.46 -11.65 -3.56
CA CYS B 24 -2.83 -11.20 -3.34
C CYS B 24 -3.45 -12.05 -2.22
N ARG B 25 -3.67 -11.44 -1.06
CA ARG B 25 -4.26 -12.12 0.08
C ARG B 25 -5.19 -11.14 0.78
N ASN B 26 -6.26 -11.67 1.37
CA ASN B 26 -7.20 -10.85 2.12
C ASN B 26 -7.67 -9.66 1.29
N GLY B 27 -7.94 -9.90 0.02
CA GLY B 27 -8.39 -8.85 -0.87
C GLY B 27 -7.45 -7.67 -0.97
N VAL B 28 -6.15 -7.89 -0.79
CA VAL B 28 -5.16 -6.84 -0.95
C VAL B 28 -4.00 -7.41 -1.76
N VAL B 29 -3.33 -6.53 -2.51
CA VAL B 29 -2.18 -6.91 -3.32
C VAL B 29 -0.97 -6.18 -2.80
N ASP B 30 0.07 -6.93 -2.48
CA ASP B 30 1.33 -6.38 -1.99
C ASP B 30 2.42 -6.66 -3.03
N ILE B 31 3.09 -5.60 -3.47
CA ILE B 31 4.26 -5.71 -4.33
C ILE B 31 5.48 -5.81 -3.44
N ILE B 32 6.17 -6.94 -3.51
CA ILE B 32 7.17 -7.30 -2.50
C ILE B 32 8.50 -6.67 -2.86
N ALA B 33 9.11 -5.98 -1.89
CA ALA B 33 10.40 -5.34 -2.09
C ALA B 33 11.54 -6.35 -1.96
N ASN B 34 12.62 -6.10 -2.70
CA ASN B 34 13.72 -7.06 -2.76
C ASN B 34 14.75 -6.70 -1.70
N ASP B 35 15.96 -7.25 -1.82
CA ASP B 35 17.00 -7.08 -0.81
C ASP B 35 17.27 -5.61 -0.52
N GLN B 36 17.38 -4.79 -1.57
CA GLN B 36 17.70 -3.38 -1.41
C GLN B 36 16.47 -2.51 -1.23
N GLY B 37 15.31 -3.12 -0.96
CA GLY B 37 14.09 -2.37 -0.76
C GLY B 37 13.44 -1.88 -2.03
N ASN B 38 13.87 -2.35 -3.18
CA ASN B 38 13.34 -1.90 -4.46
C ASN B 38 12.16 -2.76 -4.85
N ARG B 39 11.06 -2.12 -5.23
CA ARG B 39 9.83 -2.82 -5.59
C ARG B 39 9.87 -3.43 -6.99
N THR B 40 10.84 -3.03 -7.82
CA THR B 40 11.14 -3.73 -9.07
C THR B 40 12.62 -4.12 -9.08
N THR B 41 12.93 -5.22 -9.77
CA THR B 41 14.28 -5.76 -9.85
C THR B 41 14.76 -5.84 -11.30
N PRO B 42 15.93 -5.31 -11.63
CA PRO B 42 16.41 -5.39 -13.02
C PRO B 42 16.51 -6.83 -13.53
N SER B 43 16.01 -7.05 -14.74
CA SER B 43 16.12 -8.36 -15.38
C SER B 43 17.53 -8.57 -15.95
N TYR B 44 18.52 -8.56 -15.03
CA TYR B 44 19.93 -8.61 -15.37
C TYR B 44 20.58 -9.78 -14.63
N VAL B 45 21.47 -10.47 -15.33
CA VAL B 45 22.30 -11.51 -14.74
C VAL B 45 23.75 -11.25 -15.15
N ALA B 46 24.66 -11.28 -14.20
CA ALA B 46 26.06 -10.98 -14.44
C ALA B 46 26.93 -12.12 -13.92
N PHE B 47 28.04 -12.36 -14.63
CA PHE B 47 28.98 -13.41 -14.26
C PHE B 47 30.36 -12.79 -14.08
N THR B 48 30.96 -13.02 -12.91
CA THR B 48 32.30 -12.56 -12.62
C THR B 48 33.20 -13.76 -12.30
N ASP B 49 34.40 -13.46 -11.79
CA ASP B 49 35.36 -14.51 -11.49
C ASP B 49 34.96 -15.36 -10.28
N THR B 50 34.02 -14.90 -9.48
CA THR B 50 33.73 -15.59 -8.22
C THR B 50 32.25 -15.86 -7.99
N GLU B 51 31.37 -15.04 -8.56
CA GLU B 51 29.96 -15.10 -8.19
C GLU B 51 29.08 -14.83 -9.40
N ARG B 52 27.84 -15.27 -9.27
CA ARG B 52 26.77 -15.00 -10.23
C ARG B 52 25.81 -14.00 -9.60
N LEU B 53 25.62 -12.87 -10.25
CA LEU B 53 24.83 -11.78 -9.72
C LEU B 53 23.53 -11.63 -10.50
N ILE B 54 22.46 -11.30 -9.78
CA ILE B 54 21.13 -11.13 -10.39
C ILE B 54 20.51 -9.88 -9.80
N GLY B 55 19.86 -9.10 -10.67
CA GLY B 55 19.14 -7.92 -10.24
C GLY B 55 19.97 -6.66 -10.14
N ASP B 56 19.74 -5.89 -9.07
CA ASP B 56 20.43 -4.62 -8.91
C ASP B 56 21.94 -4.80 -8.94
N ALA B 57 22.45 -5.81 -8.22
CA ALA B 57 23.90 -5.99 -8.15
C ALA B 57 24.48 -6.31 -9.52
N ALA B 58 23.71 -6.97 -10.38
CA ALA B 58 24.15 -7.20 -11.75
C ALA B 58 24.11 -5.91 -12.56
N LYS B 59 23.00 -5.17 -12.50
CA LYS B 59 22.92 -3.94 -13.28
C LYS B 59 23.97 -2.93 -12.83
N ASN B 60 24.30 -2.92 -11.54
CA ASN B 60 25.18 -1.87 -11.01
C ASN B 60 26.62 -2.02 -11.48
N GLN B 61 27.05 -3.24 -11.80
CA GLN B 61 28.41 -3.44 -12.29
C GLN B 61 28.46 -3.69 -13.80
N ALA B 62 27.34 -3.49 -14.51
CA ALA B 62 27.31 -3.76 -15.94
C ALA B 62 28.39 -2.98 -16.68
N SER B 63 28.46 -1.67 -16.46
CA SER B 63 29.40 -0.84 -17.22
C SER B 63 30.83 -1.28 -16.98
N ARG B 64 31.14 -1.81 -15.79
CA ARG B 64 32.47 -2.34 -15.53
C ARG B 64 32.69 -3.70 -16.17
N ASN B 65 31.62 -4.46 -16.38
CA ASN B 65 31.69 -5.86 -16.82
C ASN B 65 30.71 -6.07 -17.97
N PRO B 66 30.86 -5.30 -19.05
CA PRO B 66 29.83 -5.35 -20.11
C PRO B 66 29.74 -6.69 -20.82
N GLU B 67 30.87 -7.38 -21.02
CA GLU B 67 30.88 -8.59 -21.82
C GLU B 67 30.21 -9.75 -21.11
N ASN B 68 30.08 -9.70 -19.78
CA ASN B 68 29.58 -10.83 -19.01
C ASN B 68 28.32 -10.48 -18.22
N THR B 69 27.65 -9.38 -18.55
CA THR B 69 26.41 -8.96 -17.91
C THR B 69 25.30 -9.07 -18.95
N VAL B 70 24.36 -9.99 -18.71
CA VAL B 70 23.32 -10.33 -19.68
C VAL B 70 22.03 -9.60 -19.35
N PHE B 71 21.42 -9.00 -20.36
CA PHE B 71 20.10 -8.39 -20.27
C PHE B 71 19.37 -8.63 -21.57
N ASP B 72 18.11 -8.18 -21.63
CA ASP B 72 17.28 -8.31 -22.83
C ASP B 72 17.04 -9.76 -23.22
N ALA B 73 17.17 -10.69 -22.27
CA ALA B 73 16.94 -12.10 -22.58
C ALA B 73 15.52 -12.32 -23.08
N LYS B 74 14.59 -11.47 -22.68
CA LYS B 74 13.20 -11.60 -23.14
C LYS B 74 13.07 -11.42 -24.65
N ARG B 75 14.03 -10.76 -25.29
CA ARG B 75 14.01 -10.61 -26.73
C ARG B 75 14.48 -11.86 -27.46
N LEU B 76 15.14 -12.78 -26.76
CA LEU B 76 15.62 -14.03 -27.33
C LEU B 76 14.76 -15.23 -26.96
N ILE B 77 14.04 -15.16 -25.85
CA ILE B 77 13.41 -16.37 -25.30
C ILE B 77 12.39 -16.91 -26.29
N GLY B 78 12.47 -18.21 -26.55
CA GLY B 78 11.54 -18.88 -27.45
C GLY B 78 11.74 -18.56 -28.91
N ARG B 79 12.82 -17.89 -29.28
CA ARG B 79 13.12 -17.59 -30.68
C ARG B 79 14.24 -18.48 -31.20
N LYS B 80 14.30 -18.61 -32.52
CA LYS B 80 15.43 -19.22 -33.17
C LYS B 80 16.48 -18.16 -33.45
N PHE B 81 17.75 -18.54 -33.34
CA PHE B 81 18.84 -17.58 -33.55
C PHE B 81 18.74 -16.92 -34.91
N SER B 82 18.22 -17.63 -35.91
CA SER B 82 18.19 -17.12 -37.28
C SER B 82 17.06 -16.14 -37.53
N GLU B 83 16.22 -15.86 -36.54
CA GLU B 83 15.14 -14.91 -36.75
C GLU B 83 15.70 -13.53 -37.04
N THR B 84 15.07 -12.81 -37.96
CA THR B 84 15.59 -11.50 -38.36
C THR B 84 15.68 -10.57 -37.17
N THR B 85 14.69 -10.60 -36.27
CA THR B 85 14.72 -9.71 -35.11
C THR B 85 15.93 -10.02 -34.23
N VAL B 86 16.29 -11.30 -34.11
CA VAL B 86 17.44 -11.69 -33.29
C VAL B 86 18.74 -11.19 -33.92
N GLN B 87 18.90 -11.40 -35.23
CA GLN B 87 20.12 -10.95 -35.89
C GLN B 87 20.25 -9.43 -35.84
N SER B 88 19.12 -8.72 -35.79
CA SER B 88 19.16 -7.26 -35.69
C SER B 88 19.36 -6.78 -34.25
N ASP B 89 18.83 -7.48 -33.25
CA ASP B 89 18.99 -7.05 -31.87
C ASP B 89 20.39 -7.34 -31.34
N MET B 90 21.03 -8.41 -31.82
CA MET B 90 22.28 -8.86 -31.21
C MET B 90 23.40 -7.85 -31.40
N LYS B 91 23.42 -7.13 -32.52
CA LYS B 91 24.49 -6.17 -32.77
C LYS B 91 24.42 -4.96 -31.84
N HIS B 92 23.39 -4.88 -30.99
CA HIS B 92 23.27 -3.81 -30.01
C HIS B 92 23.66 -4.24 -28.60
N TRP B 93 23.73 -5.54 -28.31
CA TRP B 93 24.14 -6.00 -27.01
C TRP B 93 25.67 -6.13 -26.93
N PRO B 94 26.25 -5.86 -25.75
CA PRO B 94 27.70 -6.05 -25.60
C PRO B 94 28.10 -7.51 -25.34
N PHE B 95 27.16 -8.38 -25.03
CA PHE B 95 27.46 -9.78 -24.80
C PHE B 95 27.26 -10.59 -26.07
N THR B 96 27.94 -11.73 -26.13
CA THR B 96 27.98 -12.54 -27.35
C THR B 96 26.82 -13.53 -27.38
N VAL B 97 26.19 -13.65 -28.55
CA VAL B 97 25.10 -14.59 -28.77
C VAL B 97 25.39 -15.34 -30.06
N LYS B 98 25.33 -16.66 -30.01
CA LYS B 98 25.54 -17.50 -31.19
C LYS B 98 24.43 -18.52 -31.27
N GLY B 99 24.25 -19.09 -32.45
CA GLY B 99 23.20 -20.05 -32.69
C GLY B 99 23.64 -21.46 -32.35
N GLY B 100 22.75 -22.20 -31.68
CA GLY B 100 23.01 -23.59 -31.39
C GLY B 100 22.65 -24.48 -32.56
N SER B 101 23.05 -25.75 -32.46
CA SER B 101 22.82 -26.69 -33.56
C SER B 101 21.33 -26.92 -33.80
N ASP B 102 20.49 -26.65 -32.80
CA ASP B 102 19.04 -26.78 -32.95
C ASP B 102 18.37 -25.45 -33.18
N GLY B 103 19.13 -24.40 -33.48
CA GLY B 103 18.56 -23.10 -33.75
C GLY B 103 18.31 -22.24 -32.53
N LYS B 104 18.51 -22.76 -31.33
CA LYS B 104 18.26 -21.97 -30.14
C LYS B 104 19.45 -21.06 -29.83
N PRO B 105 19.21 -19.80 -29.46
CA PRO B 105 20.33 -18.92 -29.14
C PRO B 105 21.13 -19.43 -27.95
N MET B 106 22.44 -19.19 -28.01
CA MET B 106 23.35 -19.47 -26.91
C MET B 106 24.00 -18.16 -26.49
N ILE B 107 23.90 -17.82 -25.21
CA ILE B 107 24.47 -16.61 -24.66
C ILE B 107 25.80 -17.00 -24.03
N GLU B 108 26.89 -16.42 -24.53
CA GLU B 108 28.22 -16.80 -24.10
C GLU B 108 28.77 -15.73 -23.17
N VAL B 109 29.36 -16.18 -22.07
CA VAL B 109 29.96 -15.30 -21.07
C VAL B 109 31.15 -16.01 -20.45
N SER B 110 31.90 -15.29 -19.62
CA SER B 110 32.97 -15.86 -18.81
C SER B 110 32.50 -15.89 -17.36
N TYR B 111 32.66 -17.04 -16.71
CA TYR B 111 32.21 -17.23 -15.33
C TYR B 111 33.25 -18.07 -14.61
N GLN B 112 33.87 -17.49 -13.58
CA GLN B 112 34.93 -18.17 -12.82
C GLN B 112 36.07 -18.60 -13.73
N GLY B 113 36.43 -17.72 -14.67
CA GLY B 113 37.50 -18.01 -15.59
C GLY B 113 37.22 -19.10 -16.59
N GLU B 114 35.95 -19.46 -16.78
CA GLU B 114 35.56 -20.50 -17.73
C GLU B 114 34.51 -19.96 -18.68
N LYS B 115 34.60 -20.37 -19.94
CA LYS B 115 33.59 -19.99 -20.93
C LYS B 115 32.31 -20.76 -20.69
N LYS B 116 31.19 -20.05 -20.56
CA LYS B 116 29.89 -20.65 -20.31
C LYS B 116 28.91 -20.26 -21.41
N THR B 117 27.90 -21.13 -21.62
CA THR B 117 26.83 -20.86 -22.56
C THR B 117 25.50 -21.09 -21.85
N PHE B 118 24.54 -20.21 -22.11
CA PHE B 118 23.21 -20.30 -21.52
C PHE B 118 22.14 -20.07 -22.56
N HIS B 119 21.05 -20.83 -22.48
CA HIS B 119 19.89 -20.55 -23.28
C HIS B 119 19.13 -19.36 -22.71
N PRO B 120 18.36 -18.66 -23.54
CA PRO B 120 17.61 -17.49 -23.02
C PRO B 120 16.70 -17.83 -21.86
N GLU B 121 16.08 -19.00 -21.87
CA GLU B 121 15.18 -19.36 -20.77
C GLU B 121 15.96 -19.66 -19.49
N GLU B 122 17.24 -20.04 -19.59
CA GLU B 122 18.05 -20.21 -18.39
C GLU B 122 18.33 -18.88 -17.71
N ILE B 123 18.68 -17.86 -18.49
CA ILE B 123 18.87 -16.53 -17.92
C ILE B 123 17.57 -16.03 -17.27
N SER B 124 16.46 -16.16 -17.98
CA SER B 124 15.19 -15.76 -17.38
C SER B 124 14.84 -16.58 -16.15
N SER B 125 15.21 -17.87 -16.13
CA SER B 125 14.97 -18.69 -14.96
C SER B 125 15.71 -18.13 -13.74
N MET B 126 16.88 -17.53 -13.94
CA MET B 126 17.63 -16.95 -12.83
C MET B 126 16.95 -15.69 -12.31
N VAL B 127 16.37 -14.89 -13.21
CA VAL B 127 15.60 -13.74 -12.77
C VAL B 127 14.33 -14.19 -12.03
N LEU B 128 13.65 -15.22 -12.56
CA LEU B 128 12.46 -15.73 -11.90
C LEU B 128 12.78 -16.32 -10.53
N LYS B 129 13.88 -17.07 -10.44
CA LYS B 129 14.28 -17.64 -9.16
C LYS B 129 14.61 -16.55 -8.15
N LYS B 130 15.20 -15.45 -8.60
CA LYS B 130 15.45 -14.31 -7.73
C LYS B 130 14.15 -13.70 -7.23
N MET B 131 13.14 -13.58 -8.10
CA MET B 131 11.86 -13.04 -7.65
C MET B 131 11.14 -14.01 -6.70
N LYS B 132 11.20 -15.31 -7.00
CA LYS B 132 10.75 -16.32 -6.06
C LYS B 132 11.35 -16.10 -4.68
N GLU B 133 12.68 -15.92 -4.63
CA GLU B 133 13.34 -15.74 -3.34
C GLU B 133 12.92 -14.43 -2.68
N VAL B 134 12.65 -13.38 -3.47
CA VAL B 134 12.16 -12.14 -2.90
C VAL B 134 10.85 -12.39 -2.18
N ALA B 135 9.98 -13.21 -2.75
CA ALA B 135 8.70 -13.50 -2.13
C ALA B 135 8.87 -14.42 -0.94
N GLU B 136 9.76 -15.41 -1.05
CA GLU B 136 9.92 -16.37 0.03
C GLU B 136 10.51 -15.70 1.27
N THR B 137 11.41 -14.74 1.06
CA THR B 137 11.99 -14.03 2.20
C THR B 137 10.92 -13.20 2.90
N TYR B 138 10.00 -12.62 2.13
CA TYR B 138 8.91 -11.85 2.73
C TYR B 138 7.94 -12.75 3.48
N LEU B 139 7.62 -13.91 2.92
CA LEU B 139 6.63 -14.77 3.53
C LEU B 139 7.20 -15.69 4.61
N GLY B 140 8.51 -15.88 4.64
CA GLY B 140 9.09 -16.82 5.58
C GLY B 140 8.66 -18.25 5.35
N LYS B 141 8.34 -18.60 4.10
CA LYS B 141 7.94 -19.95 3.76
C LYS B 141 8.19 -20.16 2.27
N PRO B 142 8.34 -21.41 1.84
CA PRO B 142 8.60 -21.66 0.41
C PRO B 142 7.38 -21.32 -0.45
N VAL B 143 7.67 -20.89 -1.67
CA VAL B 143 6.66 -20.54 -2.66
C VAL B 143 6.95 -21.35 -3.92
N LYS B 144 5.91 -21.97 -4.47
CA LYS B 144 6.06 -22.73 -5.71
C LYS B 144 5.10 -22.26 -6.78
N ASN B 145 3.83 -22.09 -6.46
CA ASN B 145 2.84 -21.73 -7.48
C ASN B 145 2.98 -20.28 -7.88
N ALA B 146 2.90 -20.02 -9.18
CA ALA B 146 3.05 -18.67 -9.70
C ALA B 146 2.25 -18.51 -10.99
N VAL B 147 1.84 -17.27 -11.25
CA VAL B 147 1.38 -16.84 -12.56
C VAL B 147 2.39 -15.86 -13.12
N ILE B 148 2.79 -16.08 -14.38
CA ILE B 148 3.78 -15.26 -15.06
C ILE B 148 3.13 -14.65 -16.30
N THR B 149 3.45 -13.39 -16.56
CA THR B 149 2.88 -12.65 -17.68
C THR B 149 3.83 -12.61 -18.86
N VAL B 150 3.26 -12.43 -20.05
CA VAL B 150 4.03 -12.25 -21.29
C VAL B 150 3.32 -11.25 -22.18
N PRO B 151 4.06 -10.64 -23.11
CA PRO B 151 3.39 -9.76 -24.09
C PRO B 151 2.32 -10.51 -24.86
N ALA B 152 1.26 -9.78 -25.21
CA ALA B 152 0.13 -10.42 -25.89
C ALA B 152 0.53 -11.00 -27.24
N TYR B 153 1.58 -10.47 -27.86
CA TYR B 153 2.01 -10.93 -29.17
C TYR B 153 2.93 -12.14 -29.11
N PHE B 154 3.31 -12.59 -27.92
CA PHE B 154 4.14 -13.78 -27.81
C PHE B 154 3.44 -14.99 -28.43
N ASN B 155 4.22 -15.84 -29.10
CA ASN B 155 3.70 -17.02 -29.76
C ASN B 155 3.86 -18.23 -28.83
N ASP B 156 3.42 -19.40 -29.32
CA ASP B 156 3.44 -20.60 -28.50
C ASP B 156 4.86 -20.90 -27.99
N SER B 157 5.85 -20.80 -28.88
CA SER B 157 7.21 -21.13 -28.48
C SER B 157 7.71 -20.17 -27.40
N GLN B 158 7.37 -18.88 -27.51
CA GLN B 158 7.81 -17.89 -26.55
C GLN B 158 7.12 -18.09 -25.20
N ARG B 159 5.82 -18.42 -25.23
CA ARG B 159 5.12 -18.73 -23.99
C ARG B 159 5.66 -20.00 -23.36
N GLN B 160 5.93 -21.01 -24.17
CA GLN B 160 6.45 -22.28 -23.66
C GLN B 160 7.83 -22.10 -23.07
N ALA B 161 8.69 -21.33 -23.74
CA ALA B 161 10.02 -21.09 -23.21
C ALA B 161 9.94 -20.35 -21.88
N THR B 162 8.99 -19.40 -21.75
CA THR B 162 8.79 -18.72 -20.48
C THR B 162 8.31 -19.71 -19.42
N LYS B 163 7.35 -20.56 -19.75
CA LYS B 163 6.96 -21.65 -18.85
C LYS B 163 8.18 -22.45 -18.42
N ASP B 164 9.03 -22.85 -19.40
CA ASP B 164 10.22 -23.63 -19.09
C ASP B 164 11.11 -22.90 -18.10
N ALA B 165 11.29 -21.59 -18.29
CA ALA B 165 12.11 -20.82 -17.36
C ALA B 165 11.52 -20.88 -15.96
N GLY B 166 10.20 -20.83 -15.85
CA GLY B 166 9.57 -20.97 -14.53
C GLY B 166 9.84 -22.32 -13.90
N ALA B 167 9.64 -23.40 -14.66
CA ALA B 167 9.93 -24.73 -14.13
C ALA B 167 11.40 -24.85 -13.73
N ILE B 168 12.31 -24.33 -14.56
CA ILE B 168 13.72 -24.38 -14.21
C ILE B 168 13.96 -23.67 -12.88
N ALA B 169 13.22 -22.60 -12.64
CA ALA B 169 13.34 -21.84 -11.40
C ALA B 169 12.66 -22.52 -10.22
N GLY B 170 12.03 -23.69 -10.42
CA GLY B 170 11.36 -24.38 -9.35
C GLY B 170 9.92 -24.00 -9.14
N LEU B 171 9.33 -23.22 -10.05
CA LEU B 171 7.97 -22.74 -9.92
C LEU B 171 7.01 -23.71 -10.58
N ASN B 172 5.82 -23.83 -9.97
CA ASN B 172 4.67 -24.49 -10.58
C ASN B 172 3.87 -23.41 -11.29
N VAL B 173 4.01 -23.33 -12.62
CA VAL B 173 3.46 -22.21 -13.39
C VAL B 173 1.99 -22.51 -13.61
N LEU B 174 1.12 -21.89 -12.81
CA LEU B 174 -0.30 -22.13 -12.90
C LEU B 174 -0.86 -21.66 -14.24
N ARG B 175 -0.32 -20.58 -14.80
CA ARG B 175 -0.81 -20.03 -16.05
C ARG B 175 0.13 -18.97 -16.58
N ILE B 176 0.17 -18.87 -17.89
CA ILE B 176 0.81 -17.75 -18.59
C ILE B 176 -0.31 -16.85 -19.09
N ILE B 177 -0.31 -15.60 -18.65
CA ILE B 177 -1.33 -14.65 -19.07
C ILE B 177 -0.66 -13.46 -19.73
N ASN B 178 -1.46 -12.65 -20.42
CA ASN B 178 -0.96 -11.53 -21.20
C ASN B 178 -0.82 -10.30 -20.33
N GLU B 179 0.28 -9.57 -20.52
CA GLU B 179 0.55 -8.37 -19.73
C GLU B 179 -0.59 -7.38 -19.76
N PRO B 180 -1.16 -7.02 -20.92
CA PRO B 180 -2.26 -6.05 -20.90
C PRO B 180 -3.47 -6.55 -20.12
N THR B 181 -3.84 -7.83 -20.29
CA THR B 181 -4.97 -8.37 -19.55
C THR B 181 -4.71 -8.29 -18.04
N ALA B 182 -3.44 -8.48 -17.63
CA ALA B 182 -3.10 -8.39 -16.22
C ALA B 182 -3.28 -6.96 -15.71
N ALA B 183 -2.88 -5.96 -16.51
CA ALA B 183 -3.04 -4.58 -16.07
C ALA B 183 -4.52 -4.21 -15.92
N ALA B 184 -5.39 -4.77 -16.77
CA ALA B 184 -6.81 -4.52 -16.64
C ALA B 184 -7.38 -5.24 -15.42
N ILE B 185 -6.89 -6.46 -15.16
CA ILE B 185 -7.32 -7.20 -13.98
C ILE B 185 -6.94 -6.43 -12.72
N ALA B 186 -5.79 -5.76 -12.75
CA ALA B 186 -5.33 -5.04 -11.58
C ALA B 186 -6.30 -3.96 -11.15
N TYR B 187 -6.99 -3.34 -12.09
CA TYR B 187 -7.97 -2.30 -11.81
C TYR B 187 -9.37 -2.84 -11.65
N GLY B 188 -9.55 -4.15 -11.62
CA GLY B 188 -10.86 -4.74 -11.43
C GLY B 188 -11.83 -4.49 -12.56
N LEU B 189 -11.33 -4.22 -13.76
CA LEU B 189 -12.21 -3.89 -14.88
C LEU B 189 -13.01 -5.11 -15.36
N ASP B 190 -12.70 -6.30 -14.88
CA ASP B 190 -13.49 -7.49 -15.19
C ASP B 190 -14.48 -7.78 -14.06
N GLY B 195 -21.88 -3.70 -19.19
CA GLY B 195 -21.54 -5.02 -19.72
C GLY B 195 -20.19 -5.05 -20.40
N GLU B 196 -20.17 -5.19 -21.72
CA GLU B 196 -18.92 -5.19 -22.46
C GLU B 196 -18.23 -3.85 -22.36
N GLN B 197 -16.91 -3.88 -22.14
CA GLN B 197 -16.11 -2.68 -22.02
C GLN B 197 -14.88 -2.81 -22.91
N ASN B 198 -14.53 -1.72 -23.59
CA ASN B 198 -13.32 -1.64 -24.39
C ASN B 198 -12.25 -0.91 -23.59
N ILE B 199 -11.08 -1.51 -23.46
CA ILE B 199 -10.00 -1.01 -22.61
C ILE B 199 -8.75 -0.89 -23.43
N LEU B 200 -8.17 0.31 -23.47
CA LEU B 200 -6.90 0.56 -24.13
C LEU B 200 -5.79 0.49 -23.09
N ILE B 201 -4.83 -0.40 -23.30
CA ILE B 201 -3.64 -0.51 -22.47
C ILE B 201 -2.50 0.22 -23.17
N PHE B 202 -1.95 1.22 -22.51
CA PHE B 202 -0.81 2.00 -23.01
C PHE B 202 0.40 1.63 -22.15
N ASP B 203 1.26 0.77 -22.68
CA ASP B 203 2.39 0.20 -21.93
C ASP B 203 3.70 0.67 -22.54
N LEU B 204 4.30 1.70 -21.95
CA LEU B 204 5.59 2.22 -22.41
C LEU B 204 6.61 1.98 -21.30
N GLY B 205 7.57 1.10 -21.56
CA GLY B 205 8.54 0.72 -20.56
C GLY B 205 9.93 1.27 -20.81
N GLY B 206 10.95 0.49 -20.42
CA GLY B 206 12.32 0.92 -20.63
C GLY B 206 12.86 0.65 -22.03
N GLY B 207 12.29 -0.31 -22.73
CA GLY B 207 12.78 -0.65 -24.05
C GLY B 207 11.71 -0.98 -25.07
N THR B 208 10.45 -1.09 -24.64
CA THR B 208 9.39 -1.51 -25.53
C THR B 208 8.15 -0.66 -25.30
N PHE B 209 7.34 -0.54 -26.36
CA PHE B 209 6.10 0.22 -26.34
C PHE B 209 5.00 -0.67 -26.87
N ASP B 210 4.03 -1.00 -26.01
CA ASP B 210 2.96 -1.94 -26.36
C ASP B 210 1.60 -1.29 -26.09
N VAL B 211 0.78 -1.23 -27.13
CA VAL B 211 -0.59 -0.74 -27.02
C VAL B 211 -1.52 -1.88 -27.40
N SER B 212 -2.53 -2.12 -26.55
CA SER B 212 -3.48 -3.20 -26.77
C SER B 212 -4.91 -2.72 -26.57
N LEU B 213 -5.81 -3.19 -27.42
CA LEU B 213 -7.23 -2.94 -27.28
C LEU B 213 -7.88 -4.23 -26.81
N LEU B 214 -8.54 -4.18 -25.67
CA LEU B 214 -9.19 -5.34 -25.07
C LEU B 214 -10.69 -5.12 -25.05
N THR B 215 -11.43 -6.23 -25.08
CA THR B 215 -12.88 -6.21 -24.97
C THR B 215 -13.30 -7.25 -23.94
N LEU B 216 -14.14 -6.84 -23.00
CA LEU B 216 -14.68 -7.75 -21.98
C LEU B 216 -15.93 -8.41 -22.54
N GLU B 217 -15.70 -9.45 -23.34
CA GLU B 217 -16.79 -10.18 -23.98
C GLU B 217 -17.05 -11.45 -23.17
N ASP B 218 -18.22 -11.51 -22.54
CA ASP B 218 -18.62 -12.65 -21.70
C ASP B 218 -17.71 -12.79 -20.48
N GLY B 219 -17.43 -11.67 -19.83
CA GLY B 219 -16.67 -11.67 -18.60
C GLY B 219 -15.18 -11.87 -18.76
N ILE B 220 -14.71 -12.36 -19.90
CA ILE B 220 -13.29 -12.60 -20.14
C ILE B 220 -12.77 -11.53 -21.07
N PHE B 221 -11.54 -11.09 -20.82
CA PHE B 221 -10.89 -10.12 -21.70
C PHE B 221 -10.34 -10.85 -22.94
N GLU B 222 -10.54 -10.23 -24.10
CA GLU B 222 -10.00 -10.73 -25.34
C GLU B 222 -9.17 -9.65 -26.01
N VAL B 223 -8.00 -10.02 -26.49
CA VAL B 223 -7.12 -9.08 -27.20
C VAL B 223 -7.67 -8.92 -28.61
N LYS B 224 -8.21 -7.75 -28.91
CA LYS B 224 -8.79 -7.50 -30.23
C LYS B 224 -7.78 -6.92 -31.20
N ALA B 225 -6.76 -6.21 -30.71
CA ALA B 225 -5.74 -5.63 -31.56
C ALA B 225 -4.55 -5.21 -30.70
N THR B 226 -3.37 -5.26 -31.32
CA THR B 226 -2.15 -4.85 -30.64
C THR B 226 -1.27 -4.07 -31.62
N SER B 227 -0.49 -3.15 -31.09
CA SER B 227 0.43 -2.35 -31.88
C SER B 227 1.49 -1.77 -30.96
N GLY B 228 2.34 -0.91 -31.50
CA GLY B 228 3.36 -0.26 -30.72
C GLY B 228 4.71 -0.24 -31.41
N ASP B 229 5.79 -0.38 -30.63
CA ASP B 229 7.14 -0.32 -31.14
C ASP B 229 8.04 -1.13 -30.23
N THR B 230 8.69 -2.16 -30.79
CA THR B 230 9.56 -3.01 -30.01
C THR B 230 10.89 -2.35 -29.66
N HIS B 231 11.17 -1.18 -30.21
CA HIS B 231 12.40 -0.43 -29.89
C HIS B 231 12.08 1.02 -29.62
N LEU B 232 11.05 1.24 -28.81
CA LEU B 232 10.74 2.55 -28.24
C LEU B 232 10.49 2.37 -26.76
N GLY B 233 11.21 3.14 -25.94
CA GLY B 233 11.06 3.01 -24.50
C GLY B 233 11.81 4.11 -23.81
N GLY B 234 11.79 4.05 -22.47
CA GLY B 234 12.43 5.08 -21.67
C GLY B 234 13.90 5.27 -22.00
N GLU B 235 14.59 4.20 -22.36
CA GLU B 235 16.01 4.31 -22.65
C GLU B 235 16.26 5.21 -23.85
N ASP B 236 15.31 5.26 -24.79
CA ASP B 236 15.44 6.16 -25.93
C ASP B 236 15.37 7.61 -25.49
N PHE B 237 14.51 7.90 -24.51
CA PHE B 237 14.45 9.25 -23.96
C PHE B 237 15.74 9.60 -23.24
N ASP B 238 16.37 8.62 -22.57
CA ASP B 238 17.67 8.87 -21.95
C ASP B 238 18.73 9.18 -23.00
N ASN B 239 18.62 8.58 -24.19
CA ASN B 239 19.61 8.83 -25.24
C ASN B 239 19.45 10.21 -25.84
N LYS B 240 18.24 10.76 -25.84
CA LYS B 240 18.06 12.14 -26.28
C LYS B 240 18.74 13.12 -25.32
N LEU B 241 18.60 12.88 -24.01
CA LEU B 241 19.33 13.70 -23.04
C LEU B 241 20.84 13.48 -23.16
N VAL B 242 21.26 12.22 -23.33
CA VAL B 242 22.67 11.93 -23.52
C VAL B 242 23.23 12.76 -24.68
N ASN B 243 22.56 12.69 -25.84
CA ASN B 243 23.02 13.44 -27.01
C ASN B 243 23.15 14.93 -26.69
N PHE B 244 22.12 15.52 -26.09
CA PHE B 244 22.18 16.94 -25.74
C PHE B 244 23.39 17.23 -24.86
N CYS B 245 23.68 16.36 -23.89
CA CYS B 245 24.83 16.57 -23.03
C CYS B 245 26.13 16.50 -23.81
N VAL B 246 26.21 15.59 -24.79
CA VAL B 246 27.42 15.47 -25.60
C VAL B 246 27.70 16.78 -26.33
N GLN B 247 26.66 17.35 -26.96
CA GLN B 247 26.84 18.62 -27.67
C GLN B 247 27.13 19.75 -26.69
N ASP B 248 26.47 19.74 -25.52
CA ASP B 248 26.76 20.75 -24.51
C ASP B 248 28.19 20.65 -24.01
N PHE B 249 28.68 19.43 -23.79
CA PHE B 249 30.06 19.24 -23.34
C PHE B 249 31.04 19.78 -24.38
N LYS B 250 30.82 19.43 -25.66
CA LYS B 250 31.73 19.87 -26.71
C LYS B 250 31.82 21.39 -26.76
N LYS B 251 30.70 22.08 -26.60
CA LYS B 251 30.73 23.54 -26.56
C LYS B 251 31.47 24.05 -25.34
N LYS B 252 31.20 23.48 -24.16
CA LYS B 252 31.84 23.95 -22.94
C LYS B 252 33.35 23.74 -22.98
N ASN B 253 33.80 22.67 -23.64
CA ASN B 253 35.22 22.37 -23.70
C ASN B 253 35.90 22.93 -24.94
N GLY B 254 35.13 23.30 -25.96
CA GLY B 254 35.67 23.81 -27.19
C GLY B 254 36.15 22.77 -28.18
N GLY B 255 36.49 21.58 -27.71
CA GLY B 255 36.90 20.50 -28.60
C GLY B 255 35.81 19.46 -28.73
N LYS B 260 33.08 9.40 -27.68
CA LYS B 260 34.19 8.59 -28.14
C LYS B 260 34.53 7.46 -27.18
N ASN B 261 34.41 7.74 -25.89
CA ASN B 261 34.69 6.77 -24.85
C ASN B 261 33.40 6.02 -24.49
N SER B 262 33.46 4.69 -24.54
CA SER B 262 32.27 3.88 -24.25
C SER B 262 31.87 3.97 -22.78
N LYS B 263 32.87 3.96 -21.88
CA LYS B 263 32.55 4.03 -20.46
C LYS B 263 32.07 5.42 -20.07
N SER B 264 32.59 6.47 -20.70
CA SER B 264 32.14 7.82 -20.38
C SER B 264 30.70 8.05 -20.82
N LEU B 265 30.25 7.36 -21.88
CA LEU B 265 28.88 7.51 -22.34
C LEU B 265 27.90 6.79 -21.41
N ARG B 266 28.31 5.64 -20.88
CA ARG B 266 27.47 4.96 -19.88
C ARG B 266 27.30 5.82 -18.65
N ARG B 267 28.37 6.50 -18.22
CA ARG B 267 28.30 7.35 -17.04
C ARG B 267 27.26 8.45 -17.23
N LEU B 268 27.31 9.15 -18.36
CA LEU B 268 26.29 10.15 -18.67
C LEU B 268 24.91 9.52 -18.70
N ARG B 269 24.77 8.40 -19.40
CA ARG B 269 23.46 7.75 -19.52
C ARG B 269 22.83 7.51 -18.15
N THR B 270 23.63 6.99 -17.21
CA THR B 270 23.10 6.73 -15.87
C THR B 270 22.53 8.00 -15.26
N GLN B 271 23.27 9.11 -15.35
CA GLN B 271 22.81 10.36 -14.76
C GLN B 271 21.65 10.96 -15.56
N CYS B 272 21.68 10.84 -16.88
CA CYS B 272 20.54 11.30 -17.67
C CYS B 272 19.27 10.54 -17.29
N GLU B 273 19.39 9.23 -17.07
CA GLU B 273 18.23 8.43 -16.66
C GLU B 273 17.67 8.95 -15.33
N LYS B 274 18.54 9.35 -14.41
CA LYS B 274 18.07 9.84 -13.11
C LYS B 274 17.42 11.20 -13.25
N ALA B 275 17.99 12.09 -14.07
CA ALA B 275 17.37 13.39 -14.30
C ALA B 275 15.98 13.23 -14.90
N LYS B 276 15.85 12.37 -15.92
CA LYS B 276 14.54 12.10 -16.51
C LYS B 276 13.50 11.84 -15.43
N ARG B 277 13.80 10.93 -14.50
CA ARG B 277 12.82 10.57 -13.49
C ARG B 277 12.43 11.78 -12.65
N VAL B 278 13.41 12.63 -12.30
CA VAL B 278 13.11 13.81 -11.49
C VAL B 278 12.22 14.78 -12.25
N LEU B 279 12.46 14.94 -13.56
CA LEU B 279 11.66 15.87 -14.34
C LEU B 279 10.20 15.48 -14.41
N SER B 280 9.86 14.23 -14.07
CA SER B 280 8.46 13.84 -14.03
C SER B 280 7.71 14.46 -12.87
N SER B 281 8.42 14.97 -11.87
CA SER B 281 7.80 15.63 -10.72
C SER B 281 8.38 16.99 -10.40
N SER B 282 9.45 17.41 -11.08
CA SER B 282 10.09 18.68 -10.82
C SER B 282 10.15 19.51 -12.10
N ALA B 283 10.36 20.82 -11.93
CA ALA B 283 10.45 21.71 -13.07
C ALA B 283 11.79 21.57 -13.78
N GLN B 284 12.84 21.18 -13.05
CA GLN B 284 14.16 21.04 -13.64
C GLN B 284 14.94 19.99 -12.85
N ALA B 285 16.12 19.66 -13.37
CA ALA B 285 16.99 18.69 -12.71
C ALA B 285 18.42 18.94 -13.17
N THR B 286 19.36 18.38 -12.43
CA THR B 286 20.79 18.58 -12.66
C THR B 286 21.43 17.26 -13.06
N ILE B 287 22.24 17.30 -14.10
CA ILE B 287 23.04 16.16 -14.53
C ILE B 287 24.49 16.48 -14.19
N GLU B 288 25.12 15.61 -13.41
CA GLU B 288 26.46 15.85 -12.90
C GLU B 288 27.32 14.61 -13.11
N VAL B 289 28.54 14.81 -13.63
CA VAL B 289 29.51 13.74 -13.76
C VAL B 289 30.90 14.31 -13.56
N ASP B 290 31.61 13.82 -12.54
CA ASP B 290 32.97 14.29 -12.27
C ASP B 290 33.98 13.54 -13.14
N SER B 291 34.95 14.28 -13.66
CA SER B 291 35.98 13.74 -14.55
C SER B 291 35.36 12.78 -15.57
N LEU B 292 34.50 13.34 -16.41
CA LEU B 292 33.72 12.53 -17.34
C LEU B 292 34.60 11.97 -18.44
N PHE B 293 35.28 12.83 -19.18
CA PHE B 293 36.07 12.38 -20.32
C PHE B 293 37.55 12.40 -20.00
N ASP B 294 38.19 13.56 -20.06
CA ASP B 294 39.62 13.68 -19.80
C ASP B 294 39.86 14.43 -18.49
N GLY B 295 39.38 13.87 -17.38
CA GLY B 295 39.48 14.57 -16.11
C GLY B 295 38.76 15.90 -16.11
N ILE B 296 37.58 15.94 -16.73
CA ILE B 296 36.81 17.17 -16.89
C ILE B 296 35.41 16.93 -16.32
N ASP B 297 35.07 17.68 -15.27
CA ASP B 297 33.75 17.55 -14.66
C ASP B 297 32.70 18.19 -15.55
N TYR B 298 31.47 17.70 -15.44
CA TYR B 298 30.37 18.16 -16.27
C TYR B 298 29.15 18.44 -15.40
N ASN B 299 28.48 19.56 -15.68
CA ASN B 299 27.30 19.97 -14.94
C ASN B 299 26.40 20.74 -15.88
N VAL B 300 25.09 20.52 -15.76
CA VAL B 300 24.12 21.21 -16.60
C VAL B 300 22.76 21.08 -15.94
N ASN B 301 21.93 22.10 -16.13
CA ASN B 301 20.56 22.12 -15.61
C ASN B 301 19.61 21.91 -16.78
N ILE B 302 18.77 20.88 -16.68
CA ILE B 302 17.83 20.51 -17.72
C ILE B 302 16.43 20.83 -17.23
N THR B 303 15.72 21.68 -17.97
CA THR B 303 14.34 22.02 -17.65
C THR B 303 13.40 21.01 -18.26
N ARG B 304 12.23 20.84 -17.63
CA ARG B 304 11.23 19.94 -18.18
C ARG B 304 10.84 20.36 -19.59
N ALA B 305 10.73 21.67 -19.83
CA ALA B 305 10.39 22.16 -21.17
C ALA B 305 11.42 21.69 -22.19
N LYS B 306 12.70 21.74 -21.84
CA LYS B 306 13.74 21.29 -22.76
C LYS B 306 13.63 19.80 -23.03
N PHE B 307 13.51 19.01 -21.96
CA PHE B 307 13.36 17.56 -22.12
C PHE B 307 12.19 17.23 -23.04
N GLU B 308 11.05 17.89 -22.85
CA GLU B 308 9.89 17.66 -23.70
C GLU B 308 10.21 18.03 -25.15
N GLU B 309 10.97 19.10 -25.35
CA GLU B 309 11.33 19.50 -26.70
C GLU B 309 12.17 18.42 -27.38
N LEU B 310 13.18 17.90 -26.68
CA LEU B 310 14.05 16.90 -27.29
C LEU B 310 13.31 15.62 -27.63
N CYS B 311 12.25 15.30 -26.90
CA CYS B 311 11.49 14.07 -27.12
C CYS B 311 10.12 14.32 -27.75
N MET B 312 9.87 15.53 -28.24
CA MET B 312 8.52 15.89 -28.66
C MET B 312 8.04 15.00 -29.79
N ASP B 313 8.89 14.72 -30.77
CA ASP B 313 8.51 13.82 -31.85
C ASP B 313 8.14 12.45 -31.28
N GLN B 314 9.07 11.82 -30.57
CA GLN B 314 8.84 10.49 -30.01
C GLN B 314 7.60 10.47 -29.12
N PHE B 315 7.40 11.53 -28.33
CA PHE B 315 6.21 11.60 -27.48
C PHE B 315 4.93 11.56 -28.30
N ARG B 316 4.75 12.53 -29.20
CA ARG B 316 3.53 12.57 -30.00
C ARG B 316 3.36 11.28 -30.80
N ASN B 317 4.45 10.69 -31.27
CA ASN B 317 4.36 9.52 -32.13
C ASN B 317 3.73 8.32 -31.42
N THR B 318 3.67 8.33 -30.08
CA THR B 318 3.10 7.19 -29.37
C THR B 318 1.62 7.02 -29.69
N LEU B 319 0.94 8.09 -30.10
CA LEU B 319 -0.49 8.00 -30.36
C LEU B 319 -0.83 7.38 -31.71
N ILE B 320 0.11 7.35 -32.64
CA ILE B 320 -0.17 6.79 -33.96
C ILE B 320 -0.36 5.28 -33.81
N PRO B 321 0.49 4.59 -33.03
CA PRO B 321 0.15 3.21 -32.67
C PRO B 321 -1.15 3.07 -31.90
N VAL B 322 -1.59 4.12 -31.21
CA VAL B 322 -2.89 4.07 -30.54
C VAL B 322 -4.02 4.17 -31.56
N GLU B 323 -3.86 5.03 -32.57
CA GLU B 323 -4.83 5.09 -33.65
C GLU B 323 -4.89 3.79 -34.45
N LYS B 324 -3.81 3.01 -34.45
CA LYS B 324 -3.76 1.79 -35.23
C LYS B 324 -4.62 0.69 -34.60
N VAL B 325 -4.48 0.48 -33.29
CA VAL B 325 -5.27 -0.55 -32.63
C VAL B 325 -6.75 -0.23 -32.73
N LEU B 326 -7.12 1.05 -32.55
CA LEU B 326 -8.51 1.45 -32.68
C LEU B 326 -9.04 1.14 -34.09
N LYS B 327 -8.19 1.32 -35.10
CA LYS B 327 -8.57 1.00 -36.47
C LYS B 327 -8.72 -0.51 -36.65
N ASP B 328 -7.74 -1.28 -36.15
CA ASP B 328 -7.82 -2.74 -36.26
C ASP B 328 -9.06 -3.28 -35.55
N ALA B 329 -9.36 -2.72 -34.38
CA ALA B 329 -10.51 -3.19 -33.59
C ALA B 329 -11.83 -2.65 -34.11
N LYS B 330 -11.84 -1.98 -35.27
CA LYS B 330 -13.07 -1.47 -35.87
C LYS B 330 -13.81 -0.54 -34.89
N MET B 331 -13.05 0.39 -34.31
CA MET B 331 -13.49 1.12 -33.13
C MET B 331 -12.98 2.54 -33.17
N ASP B 332 -13.81 3.46 -32.67
CA ASP B 332 -13.46 4.87 -32.56
C ASP B 332 -13.03 5.19 -31.12
N LYS B 333 -12.21 6.24 -30.99
CA LYS B 333 -11.68 6.61 -29.68
C LYS B 333 -12.79 6.79 -28.65
N SER B 334 -13.96 7.25 -29.09
CA SER B 334 -15.07 7.49 -28.16
C SER B 334 -15.63 6.20 -27.58
N GLN B 335 -15.24 5.04 -28.12
CA GLN B 335 -15.73 3.76 -27.63
C GLN B 335 -14.80 3.12 -26.61
N VAL B 336 -13.76 3.83 -26.18
CA VAL B 336 -12.82 3.31 -25.19
C VAL B 336 -13.35 3.67 -23.81
N HIS B 337 -13.72 2.66 -23.02
CA HIS B 337 -14.31 2.91 -21.72
C HIS B 337 -13.26 3.25 -20.67
N GLU B 338 -12.04 2.75 -20.81
CA GLU B 338 -10.98 3.01 -19.85
C GLU B 338 -9.63 3.04 -20.55
N ILE B 339 -8.71 3.82 -20.00
CA ILE B 339 -7.34 3.90 -20.47
C ILE B 339 -6.43 3.58 -19.29
N VAL B 340 -5.62 2.53 -19.43
CA VAL B 340 -4.73 2.09 -18.36
C VAL B 340 -3.30 2.43 -18.76
N LEU B 341 -2.58 3.12 -17.86
CA LEU B 341 -1.20 3.50 -18.10
C LEU B 341 -0.29 2.51 -17.39
N VAL B 342 0.58 1.85 -18.16
CA VAL B 342 1.49 0.83 -17.65
C VAL B 342 2.90 1.16 -18.12
N GLY B 343 3.89 0.70 -17.36
CA GLY B 343 5.27 0.96 -17.70
C GLY B 343 5.78 2.23 -17.07
N GLY B 344 7.03 2.20 -16.58
CA GLY B 344 7.55 3.32 -15.82
C GLY B 344 7.60 4.61 -16.61
N SER B 345 7.68 4.52 -17.94
CA SER B 345 7.79 5.74 -18.74
C SER B 345 6.48 6.54 -18.77
N THR B 346 5.34 5.92 -18.45
CA THR B 346 4.09 6.65 -18.42
C THR B 346 3.99 7.63 -17.24
N ARG B 347 5.05 7.78 -16.44
CA ARG B 347 5.09 8.82 -15.41
C ARG B 347 5.37 10.21 -15.98
N ILE B 348 5.78 10.29 -17.25
CA ILE B 348 6.13 11.58 -17.85
C ILE B 348 4.86 12.39 -18.04
N PRO B 349 4.75 13.58 -17.44
CA PRO B 349 3.49 14.33 -17.56
C PRO B 349 3.03 14.56 -18.99
N LYS B 350 3.95 14.89 -19.89
CA LYS B 350 3.55 15.21 -21.26
C LYS B 350 2.89 14.02 -21.93
N ILE B 351 3.41 12.82 -21.69
CA ILE B 351 2.79 11.62 -22.27
C ILE B 351 1.37 11.45 -21.77
N GLN B 352 1.15 11.72 -20.48
CA GLN B 352 -0.20 11.59 -19.92
C GLN B 352 -1.15 12.61 -20.53
N GLN B 353 -0.69 13.86 -20.69
CA GLN B 353 -1.55 14.89 -21.25
C GLN B 353 -1.91 14.59 -22.71
N LEU B 354 -0.93 14.14 -23.49
CA LEU B 354 -1.18 13.82 -24.89
C LEU B 354 -2.23 12.72 -25.02
N ILE B 355 -2.10 11.67 -24.21
CA ILE B 355 -3.13 10.62 -24.18
C ILE B 355 -4.46 11.21 -23.76
N LYS B 356 -4.44 12.05 -22.71
CA LYS B 356 -5.69 12.63 -22.22
C LYS B 356 -6.32 13.55 -23.24
N ASP B 357 -5.50 14.40 -23.89
CA ASP B 357 -6.02 15.25 -24.95
C ASP B 357 -6.57 14.42 -26.09
N PHE B 358 -5.86 13.37 -26.48
CA PHE B 358 -6.33 12.53 -27.59
C PHE B 358 -7.73 12.00 -27.33
N PHE B 359 -8.02 11.62 -26.09
CA PHE B 359 -9.32 11.08 -25.72
C PHE B 359 -10.25 12.14 -25.14
N ASN B 360 -10.01 13.40 -25.46
CA ASN B 360 -10.94 14.48 -25.12
C ASN B 360 -11.08 14.67 -23.61
N GLY B 361 -9.94 14.64 -22.91
CA GLY B 361 -9.93 14.91 -21.49
C GLY B 361 -10.32 13.77 -20.59
N LYS B 362 -10.29 12.54 -21.09
CA LYS B 362 -10.67 11.39 -20.28
C LYS B 362 -9.56 11.03 -19.32
N GLU B 363 -9.92 10.88 -18.04
CA GLU B 363 -8.94 10.51 -17.03
C GLU B 363 -8.52 9.06 -17.21
N PRO B 364 -7.23 8.76 -17.24
CA PRO B 364 -6.80 7.36 -17.35
C PRO B 364 -6.78 6.68 -15.99
N CYS B 365 -6.71 5.36 -16.05
CA CYS B 365 -6.40 4.56 -14.87
C CYS B 365 -4.89 4.60 -14.65
N LYS B 366 -4.45 5.19 -13.52
CA LYS B 366 -3.02 5.33 -13.28
C LYS B 366 -2.65 5.37 -11.79
N ALA B 367 -3.58 5.19 -10.86
CA ALA B 367 -3.22 5.28 -9.46
C ALA B 367 -2.24 4.19 -9.06
N ILE B 368 -2.32 3.03 -9.70
CA ILE B 368 -1.40 1.93 -9.42
C ILE B 368 -0.06 2.25 -10.07
N ASN B 369 1.02 2.13 -9.30
CA ASN B 369 2.36 2.39 -9.82
C ASN B 369 2.50 1.71 -11.17
N PRO B 370 2.81 2.45 -12.23
CA PRO B 370 2.75 1.86 -13.58
C PRO B 370 3.73 0.70 -13.80
N ASP B 371 4.87 0.69 -13.13
CA ASP B 371 5.80 -0.41 -13.28
C ASP B 371 5.49 -1.57 -12.34
N GLU B 372 4.37 -1.50 -11.62
CA GLU B 372 3.92 -2.59 -10.77
C GLU B 372 2.59 -3.18 -11.20
N ALA B 373 1.86 -2.52 -12.12
CA ALA B 373 0.49 -2.92 -12.43
C ALA B 373 0.43 -4.33 -13.00
N VAL B 374 1.39 -4.70 -13.84
CA VAL B 374 1.35 -6.02 -14.46
C VAL B 374 1.49 -7.11 -13.39
N ALA B 375 2.48 -6.96 -12.51
CA ALA B 375 2.62 -7.91 -11.41
C ALA B 375 1.38 -7.90 -10.54
N TYR B 376 0.79 -6.72 -10.30
CA TYR B 376 -0.43 -6.59 -9.50
C TYR B 376 -1.53 -7.51 -10.01
N GLY B 377 -1.83 -7.44 -11.31
CA GLY B 377 -2.87 -8.29 -11.87
C GLY B 377 -2.49 -9.75 -11.91
N ALA B 378 -1.21 -10.04 -12.13
CA ALA B 378 -0.74 -11.41 -12.07
C ALA B 378 -0.98 -12.02 -10.70
N ALA B 379 -0.69 -11.25 -9.64
CA ALA B 379 -0.89 -11.75 -8.29
C ALA B 379 -2.36 -12.03 -8.01
N VAL B 380 -3.25 -11.13 -8.47
CA VAL B 380 -4.68 -11.37 -8.34
C VAL B 380 -5.06 -12.67 -9.04
N GLN B 381 -4.62 -12.84 -10.28
CA GLN B 381 -4.94 -14.05 -11.03
C GLN B 381 -4.42 -15.28 -10.31
N ALA B 382 -3.20 -15.23 -9.80
CA ALA B 382 -2.63 -16.37 -9.09
C ALA B 382 -3.49 -16.76 -7.90
N ALA B 383 -4.05 -15.76 -7.20
CA ALA B 383 -4.90 -16.08 -6.04
C ALA B 383 -6.21 -16.71 -6.46
N ILE B 384 -6.86 -16.19 -7.50
CA ILE B 384 -8.09 -16.80 -8.01
C ILE B 384 -7.84 -18.25 -8.38
N LEU B 385 -6.80 -18.52 -9.17
CA LEU B 385 -6.55 -19.87 -9.62
C LEU B 385 -6.19 -20.80 -8.46
N SER B 386 -5.65 -20.25 -7.37
CA SER B 386 -5.32 -21.07 -6.21
C SER B 386 -6.49 -21.32 -5.30
N GLY B 387 -7.70 -20.90 -5.68
CA GLY B 387 -8.87 -21.11 -4.85
C GLY B 387 -9.03 -20.13 -3.70
N ASP B 388 -8.73 -18.86 -3.93
CA ASP B 388 -8.86 -17.84 -2.90
C ASP B 388 -10.09 -16.97 -3.15
PB ADP C . -10.86 3.68 18.06
O1B ADP C . -11.89 3.13 17.06
O2B ADP C . -9.75 4.40 17.38
O3B ADP C . -10.42 2.68 19.07
PA ADP C . -13.25 4.85 19.22
O1A ADP C . -14.06 4.93 17.98
O2A ADP C . -13.50 3.82 20.22
O3A ADP C . -11.64 4.83 18.85
O5' ADP C . -13.26 6.30 19.88
C5' ADP C . -12.74 6.45 21.21
C4' ADP C . -12.55 7.92 21.47
O4' ADP C . -13.79 8.61 21.34
C3' ADP C . -11.99 8.27 22.86
O3' ADP C . -10.94 9.18 22.67
C2' ADP C . -13.14 8.99 23.59
O2' ADP C . -12.75 10.02 24.46
C1' ADP C . -13.98 9.54 22.40
N9 ADP C . -15.36 9.77 22.79
C8 ADP C . -16.28 8.84 23.09
N7 ADP C . -17.45 9.45 23.39
C5 ADP C . -17.26 10.79 23.29
C6 ADP C . -18.06 12.00 23.47
N6 ADP C . -19.38 11.91 23.87
N1 ADP C . -17.49 13.20 23.23
C2 ADP C . -16.20 13.31 22.85
N3 ADP C . -15.40 12.24 22.66
C4 ADP C . -15.87 10.99 22.86
H5'1 ADP C . -11.78 5.93 21.30
H5'2 ADP C . -13.42 6.02 21.94
H4' ADP C . -11.81 8.25 20.72
H3' ADP C . -11.63 7.40 23.42
H2' ADP C . -13.67 8.31 24.28
HO2' ADP C . -12.08 9.69 25.07
H1' ADP C . -13.64 10.53 22.06
H8 ADP C . -16.11 7.77 23.08
HN61 ADP C . -19.93 12.75 23.98
HN62 ADP C . -19.79 11.00 24.05
H2 ADP C . -15.79 14.31 22.70
MG MG D . -12.96 1.23 17.77
PB ADP E . 10.03 -2.76 -18.59
O1B ADP E . 10.84 -2.37 -19.80
O2B ADP E . 8.54 -2.63 -18.78
O3B ADP E . 10.51 -4.00 -17.91
PA ADP E . 9.42 -0.84 -16.51
O1A ADP E . 7.99 -1.04 -16.87
O2A ADP E . 9.91 -1.19 -15.14
O3A ADP E . 10.42 -1.55 -17.57
O5' ADP E . 9.82 0.67 -16.86
C5' ADP E . 11.18 1.07 -16.74
C4' ADP E . 11.36 2.44 -17.37
O4' ADP E . 10.54 3.42 -16.68
C3' ADP E . 12.78 2.98 -17.39
O3' ADP E . 13.13 3.37 -18.70
C2' ADP E . 12.80 4.21 -16.47
O2' ADP E . 13.64 5.25 -16.87
C1' ADP E . 11.30 4.63 -16.51
N9 ADP E . 10.92 5.39 -15.33
C8 ADP E . 10.82 4.94 -14.08
N7 ADP E . 10.43 5.95 -13.27
C5 ADP E . 10.28 7.07 -14.00
C6 ADP E . 9.89 8.47 -13.77
N6 ADP E . 9.58 8.91 -12.54
N1 ADP E . 9.86 9.30 -14.84
C2 ADP E . 10.16 8.88 -16.08
N3 ADP E . 10.53 7.62 -16.36
C4 ADP E . 10.59 6.68 -15.39
H5'1 ADP E . 11.84 0.35 -17.22
H5'2 ADP E . 11.46 1.12 -15.68
H4' ADP E . 11.05 2.29 -18.42
H3' ADP E . 13.51 2.21 -17.05
HO3' ADP E . 13.99 3.81 -18.70
H2' ADP E . 13.20 3.98 -15.48
HO2' ADP E . 14.55 4.97 -16.81
H1' ADP E . 11.12 5.32 -17.35
H8 ADP E . 11.03 3.93 -13.76
HN61 ADP E . 9.32 9.87 -12.40
HN62 ADP E . 9.60 8.28 -11.76
H2 ADP E . 10.12 9.61 -16.89
MG MG F . 7.97 -4.48 -16.44
#